data_3UBO
#
_entry.id   3UBO
#
_cell.length_a   156.307
_cell.length_b   156.307
_cell.length_c   89.081
_cell.angle_alpha   90.00
_cell.angle_beta   90.00
_cell.angle_gamma   120.00
#
_symmetry.space_group_name_H-M   'P 31 2 1'
#
loop_
_entity.id
_entity.type
_entity.pdbx_description
1 polymer 'adenosine kinase'
2 non-polymer ADENOSINE
3 non-polymer "ADENOSINE-5'-DIPHOSPHATE"
4 water water
#
_entity_poly.entity_id   1
_entity_poly.type   'polypeptide(L)'
_entity_poly.pdbx_seq_one_letter_code
;(MSE)V(MSE)AKYDVLTIGNAIVDIIARCDDSFLEENGIIKGA(MSE)NLINADRAELLYSR(MSE)GPAVEASGGSAG
NTAAGVASLGGRAAYFGKVADDQLGEIFTHDIRAQGVHFQTKPLDGHPPTARS(MSE)IFVTEDGERS(MSE)NTYLGAC
VELGPEDVEDDVVAQSKVTYFEGYLWDPPRAKDAIREAARIAHAHGRETA(MSE)TLSDSFCVHRYRSEFLEL(MSE)RS
GTVDIVFANRQEALALYETEDFDRALELLARDCKLAAVTLSEEGSVVVRGAERVRVGASVLEQVVDTTGAGDLYAAGFLF
GYTSGRSLEECSKLGNLAAGIVIGQIGPRPLVSLATAARQAALVAENLYFQSHHHHHHWSHPQFEK
;
_entity_poly.pdbx_strand_id   A,B
#
loop_
_chem_comp.id
_chem_comp.type
_chem_comp.name
_chem_comp.formula
ADN non-polymer ADENOSINE 'C10 H13 N5 O4'
ADP non-polymer ADENOSINE-5'-DIPHOSPHATE 'C10 H15 N5 O10 P2'
#
# COMPACT_ATOMS: atom_id res chain seq x y z
N ALA A 4 -22.20 27.11 -7.43
CA ALA A 4 -21.60 25.74 -7.37
C ALA A 4 -20.25 25.65 -6.61
N LYS A 5 -20.15 24.74 -5.63
CA LYS A 5 -18.87 24.57 -4.87
C LYS A 5 -17.99 23.30 -5.26
N TYR A 6 -18.63 22.34 -5.94
CA TYR A 6 -17.99 21.10 -6.36
C TYR A 6 -18.32 20.88 -7.82
N ASP A 7 -17.28 20.43 -8.54
CA ASP A 7 -17.43 19.89 -9.90
C ASP A 7 -18.02 18.53 -9.79
N VAL A 8 -17.40 17.68 -8.98
CA VAL A 8 -17.98 16.33 -8.80
C VAL A 8 -18.17 15.80 -7.40
N LEU A 9 -19.39 15.28 -7.22
CA LEU A 9 -19.75 14.51 -6.05
C LEU A 9 -19.92 13.00 -6.39
N THR A 10 -19.22 12.16 -5.62
CA THR A 10 -19.43 10.72 -5.80
C THR A 10 -20.01 10.05 -4.55
N ILE A 11 -20.88 9.08 -4.86
CA ILE A 11 -21.53 8.24 -3.86
C ILE A 11 -21.33 6.77 -4.25
N GLY A 12 -20.79 6.02 -3.30
CA GLY A 12 -20.36 4.65 -3.54
C GLY A 12 -19.94 3.92 -2.27
N ASN A 13 -19.83 2.60 -2.36
CA ASN A 13 -19.38 1.75 -1.27
C ASN A 13 -17.98 2.10 -0.82
N ALA A 14 -17.84 2.55 0.41
CA ALA A 14 -16.52 2.87 0.90
C ALA A 14 -15.72 1.58 1.21
N ILE A 15 -14.64 1.34 0.50
CA ILE A 15 -13.97 0.02 0.51
C ILE A 15 -12.45 0.17 0.67
N VAL A 16 -11.87 -0.59 1.60
CA VAL A 16 -10.41 -0.67 1.59
C VAL A 16 -9.92 -1.95 0.89
N ASP A 17 -8.97 -1.77 -0.03
CA ASP A 17 -8.47 -2.85 -0.89
C ASP A 17 -7.26 -3.54 -0.33
N ILE A 18 -7.37 -4.86 -0.27
CA ILE A 18 -6.24 -5.67 0.18
C ILE A 18 -5.90 -6.48 -1.02
N ILE A 19 -4.68 -6.24 -1.50
CA ILE A 19 -4.33 -6.67 -2.81
C ILE A 19 -3.07 -7.56 -2.80
N ALA A 20 -3.05 -8.61 -3.63
CA ALA A 20 -1.85 -9.41 -3.88
C ALA A 20 -1.96 -10.18 -5.18
N ARG A 21 -0.82 -10.59 -5.70
CA ARG A 21 -0.73 -11.34 -6.93
C ARG A 21 -1.04 -12.81 -6.69
N CYS A 22 -1.58 -13.47 -7.68
CA CYS A 22 -1.80 -14.89 -7.59
C CYS A 22 -1.86 -15.39 -9.05
N ASP A 23 -2.07 -16.69 -9.27
CA ASP A 23 -1.95 -17.22 -10.65
C ASP A 23 -3.31 -17.65 -11.11
N ASP A 24 -3.45 -18.23 -12.30
CA ASP A 24 -4.84 -18.58 -12.73
C ASP A 24 -5.45 -19.67 -11.86
N SER A 25 -4.74 -20.79 -11.68
CA SER A 25 -5.25 -21.86 -10.83
C SER A 25 -5.78 -21.43 -9.43
N PHE A 26 -5.17 -20.42 -8.82
CA PHE A 26 -5.73 -19.93 -7.57
C PHE A 26 -7.18 -19.51 -7.67
N LEU A 27 -7.54 -18.86 -8.76
CA LEU A 27 -8.88 -18.37 -8.88
C LEU A 27 -9.85 -19.50 -9.14
N GLU A 28 -9.48 -20.51 -9.92
CA GLU A 28 -10.42 -21.62 -10.11
C GLU A 28 -10.48 -22.42 -8.84
N GLU A 29 -9.33 -22.70 -8.20
CA GLU A 29 -9.39 -23.46 -6.94
C GLU A 29 -10.29 -22.86 -5.88
N ASN A 30 -10.41 -21.52 -5.89
CA ASN A 30 -11.29 -20.85 -4.93
C ASN A 30 -12.60 -20.36 -5.50
N GLY A 31 -12.95 -20.85 -6.68
CA GLY A 31 -14.24 -20.48 -7.26
C GLY A 31 -14.45 -18.97 -7.30
N ILE A 32 -13.38 -18.21 -7.58
CA ILE A 32 -13.47 -16.78 -7.76
C ILE A 32 -13.65 -16.48 -9.25
N ILE A 33 -14.51 -15.51 -9.60
CA ILE A 33 -14.70 -15.18 -11.04
C ILE A 33 -13.60 -14.24 -11.54
N LYS A 34 -12.88 -14.65 -12.57
CA LYS A 34 -11.82 -13.77 -13.02
C LYS A 34 -12.45 -12.49 -13.59
N GLY A 35 -11.99 -11.35 -13.14
CA GLY A 35 -12.40 -10.08 -13.69
C GLY A 35 -13.53 -9.42 -12.96
N ALA A 36 -14.31 -10.21 -12.27
CA ALA A 36 -15.54 -9.76 -11.68
C ALA A 36 -15.40 -9.20 -10.29
N MSE A 37 -16.49 -8.73 -9.73
CA MSE A 37 -16.54 -8.40 -8.33
C MSE A 37 -17.37 -9.44 -7.68
O MSE A 37 -18.52 -9.61 -8.01
CB MSE A 37 -17.24 -7.11 -8.07
CG MSE A 37 -18.51 -7.40 -7.35
SE MSE A 37 -18.48 -6.98 -5.54
CE MSE A 37 -20.18 -6.27 -5.47
N ASN A 38 -16.74 -10.19 -6.78
CA ASN A 38 -17.38 -11.27 -6.07
C ASN A 38 -17.82 -10.81 -4.69
N LEU A 39 -19.06 -11.11 -4.34
CA LEU A 39 -19.62 -10.67 -3.11
C LEU A 39 -19.52 -11.77 -2.13
N ILE A 40 -19.02 -11.44 -0.96
CA ILE A 40 -18.70 -12.43 0.05
C ILE A 40 -19.13 -11.98 1.44
N ASN A 41 -19.52 -12.95 2.26
CA ASN A 41 -19.73 -12.64 3.69
C ASN A 41 -18.41 -12.47 4.43
N ALA A 42 -18.48 -12.21 5.70
CA ALA A 42 -17.29 -11.92 6.50
C ALA A 42 -16.36 -13.12 6.72
N ASP A 43 -16.97 -14.32 6.72
CA ASP A 43 -16.32 -15.60 6.93
C ASP A 43 -15.48 -15.95 5.71
N ARG A 44 -16.07 -15.71 4.53
CA ARG A 44 -15.34 -15.79 3.26
C ARG A 44 -14.27 -14.70 3.17
N ALA A 45 -14.42 -13.55 3.79
CA ALA A 45 -13.32 -12.59 3.70
C ALA A 45 -12.15 -13.11 4.54
N GLU A 46 -12.46 -13.62 5.72
CA GLU A 46 -11.45 -14.24 6.54
C GLU A 46 -10.80 -15.51 5.84
N LEU A 47 -11.60 -16.37 5.26
CA LEU A 47 -11.04 -17.55 4.63
C LEU A 47 -10.11 -17.19 3.46
N LEU A 48 -10.61 -16.34 2.53
CA LEU A 48 -9.82 -15.85 1.38
C LEU A 48 -8.56 -15.18 1.85
N TYR A 49 -8.61 -14.40 2.90
CA TYR A 49 -7.44 -13.71 3.39
C TYR A 49 -6.30 -14.68 3.81
N SER A 50 -6.69 -15.75 4.47
CA SER A 50 -5.77 -16.73 5.02
C SER A 50 -5.04 -17.43 3.88
N ARG A 51 -5.77 -17.80 2.82
CA ARG A 51 -5.13 -18.30 1.59
C ARG A 51 -4.37 -17.32 0.71
N MSE A 52 -4.28 -16.07 1.13
CA MSE A 52 -3.70 -15.06 0.26
C MSE A 52 -2.25 -14.82 0.62
O MSE A 52 -1.92 -14.83 1.82
CB MSE A 52 -4.49 -13.78 0.42
CG MSE A 52 -4.14 -12.66 -0.59
SE MSE A 52 -5.31 -10.98 -0.41
CE MSE A 52 -4.20 -10.04 0.81
N GLY A 53 -1.38 -14.55 -0.35
CA GLY A 53 -0.04 -14.15 -0.01
C GLY A 53 0.02 -12.82 0.77
N PRO A 54 1.22 -12.40 1.16
CA PRO A 54 1.27 -11.03 1.69
C PRO A 54 0.66 -9.95 0.77
N ALA A 55 -0.08 -9.02 1.39
CA ALA A 55 -0.85 -8.12 0.58
C ALA A 55 -0.38 -6.75 0.90
N VAL A 56 -0.96 -5.81 0.17
CA VAL A 56 -0.69 -4.41 0.26
C VAL A 56 -2.10 -3.78 0.41
N GLU A 57 -2.27 -2.87 1.35
CA GLU A 57 -3.59 -2.23 1.46
C GLU A 57 -3.63 -0.79 0.96
N ALA A 58 -4.72 -0.52 0.23
CA ALA A 58 -4.91 0.81 -0.37
C ALA A 58 -6.38 1.15 -0.42
N SER A 59 -6.79 2.35 0.05
CA SER A 59 -8.20 2.81 -0.23
C SER A 59 -8.67 2.60 -1.68
N GLY A 60 -9.88 2.09 -1.81
CA GLY A 60 -10.53 1.89 -3.08
C GLY A 60 -11.94 2.48 -3.03
N GLY A 61 -12.87 1.61 -3.41
CA GLY A 61 -14.27 1.92 -3.59
C GLY A 61 -14.35 2.54 -4.96
N SER A 62 -14.97 1.86 -5.92
CA SER A 62 -15.13 2.42 -7.26
C SER A 62 -15.42 3.98 -7.35
N ALA A 63 -16.55 4.45 -6.83
CA ALA A 63 -16.82 5.86 -6.71
C ALA A 63 -15.80 6.64 -5.90
N GLY A 64 -15.20 6.05 -4.89
CA GLY A 64 -14.29 6.82 -4.06
C GLY A 64 -13.02 7.14 -4.82
N ASN A 65 -12.73 6.31 -5.83
CA ASN A 65 -11.52 6.41 -6.60
C ASN A 65 -11.75 7.55 -7.58
N THR A 66 -12.90 7.52 -8.21
CA THR A 66 -13.25 8.49 -9.23
C THR A 66 -13.19 9.88 -8.59
N ALA A 67 -13.50 10.03 -7.30
CA ALA A 67 -13.37 11.36 -6.62
C ALA A 67 -11.96 11.78 -6.21
N ALA A 68 -11.15 10.82 -5.69
CA ALA A 68 -9.68 11.05 -5.57
C ALA A 68 -9.13 11.40 -6.97
N GLY A 69 -9.69 10.82 -8.03
CA GLY A 69 -9.33 11.15 -9.41
C GLY A 69 -9.46 12.61 -9.84
N VAL A 70 -10.70 13.09 -9.81
CA VAL A 70 -11.04 14.48 -10.02
C VAL A 70 -10.19 15.44 -9.18
N ALA A 71 -10.30 15.39 -7.85
CA ALA A 71 -9.32 16.14 -7.02
C ALA A 71 -7.85 16.12 -7.55
N SER A 72 -7.33 14.95 -7.92
CA SER A 72 -5.96 14.86 -8.45
C SER A 72 -5.81 15.62 -9.76
N LEU A 73 -6.71 15.39 -10.72
CA LEU A 73 -6.72 16.13 -11.97
C LEU A 73 -6.77 17.66 -11.84
N GLY A 74 -7.07 18.16 -10.66
CA GLY A 74 -7.20 19.59 -10.45
C GLY A 74 -8.56 20.05 -9.96
N GLY A 75 -9.62 19.30 -10.28
CA GLY A 75 -11.01 19.60 -9.89
C GLY A 75 -11.37 19.66 -8.41
N ARG A 76 -12.61 20.05 -8.12
CA ARG A 76 -13.12 20.06 -6.75
C ARG A 76 -14.21 18.97 -6.58
N ALA A 77 -14.01 18.14 -5.56
CA ALA A 77 -14.78 16.90 -5.42
C ALA A 77 -15.26 16.65 -3.96
N ALA A 78 -16.25 15.78 -3.83
CA ALA A 78 -16.83 15.44 -2.53
C ALA A 78 -17.41 14.03 -2.60
N TYR A 79 -17.46 13.39 -1.43
CA TYR A 79 -17.74 11.95 -1.41
C TYR A 79 -18.59 11.59 -0.22
N PHE A 80 -19.53 10.69 -0.47
CA PHE A 80 -20.31 10.15 0.63
C PHE A 80 -20.11 8.64 0.64
N GLY A 81 -19.67 8.09 1.77
CA GLY A 81 -19.44 6.66 1.89
C GLY A 81 -19.78 6.13 3.26
N LYS A 82 -19.87 4.81 3.39
CA LYS A 82 -20.19 4.18 4.66
C LYS A 82 -18.98 3.47 5.24
N VAL A 83 -18.53 3.93 6.41
CA VAL A 83 -17.38 3.35 7.07
C VAL A 83 -17.58 3.28 8.59
N ALA A 84 -16.88 2.36 9.24
CA ALA A 84 -17.00 2.20 10.65
C ALA A 84 -15.98 3.05 11.38
N ASP A 85 -16.21 3.20 12.68
CA ASP A 85 -15.40 4.03 13.57
C ASP A 85 -14.04 3.33 13.86
N ASP A 86 -13.62 2.45 12.95
CA ASP A 86 -12.41 1.60 13.14
C ASP A 86 -11.13 2.06 12.37
N GLN A 87 -10.10 1.22 12.38
CA GLN A 87 -8.80 1.60 11.93
C GLN A 87 -8.79 1.62 10.39
N LEU A 88 -9.64 0.76 9.83
CA LEU A 88 -9.77 0.70 8.41
C LEU A 88 -10.48 1.96 7.92
N GLY A 89 -11.51 2.39 8.65
CA GLY A 89 -12.30 3.54 8.26
C GLY A 89 -11.51 4.81 8.49
N GLU A 90 -10.60 4.81 9.46
CA GLU A 90 -9.91 6.04 9.80
C GLU A 90 -8.84 6.35 8.73
N ILE A 91 -8.48 5.28 8.03
CA ILE A 91 -7.44 5.30 7.04
C ILE A 91 -8.14 5.75 5.77
N PHE A 92 -9.31 5.18 5.56
CA PHE A 92 -10.06 5.44 4.32
C PHE A 92 -10.35 6.93 4.25
N THR A 93 -10.84 7.42 5.40
CA THR A 93 -11.19 8.79 5.68
C THR A 93 -10.03 9.68 5.36
N HIS A 94 -8.91 9.40 5.99
CA HIS A 94 -7.75 10.17 5.75
C HIS A 94 -7.36 10.13 4.30
N ASP A 95 -7.53 9.00 3.63
CA ASP A 95 -6.94 8.90 2.27
C ASP A 95 -7.76 9.77 1.33
N ILE A 96 -9.05 9.63 1.35
CA ILE A 96 -9.88 10.51 0.55
C ILE A 96 -9.78 12.04 0.92
N ARG A 97 -9.64 12.37 2.21
CA ARG A 97 -9.36 13.74 2.58
C ARG A 97 -8.00 14.30 2.13
N ALA A 98 -6.97 13.50 2.22
CA ALA A 98 -5.70 14.01 1.83
C ALA A 98 -5.66 14.22 0.30
N GLN A 99 -6.63 13.63 -0.44
CA GLN A 99 -6.80 14.01 -1.87
C GLN A 99 -7.25 15.48 -2.01
N GLY A 100 -7.91 16.03 -0.95
CA GLY A 100 -8.55 17.35 -0.98
C GLY A 100 -10.05 17.22 -1.24
N VAL A 101 -10.56 15.98 -1.23
CA VAL A 101 -11.99 15.75 -1.33
C VAL A 101 -12.67 16.06 -0.01
N HIS A 102 -13.95 16.47 -0.13
CA HIS A 102 -14.82 16.80 1.02
C HIS A 102 -15.50 15.50 1.39
N PHE A 103 -15.21 15.09 2.62
CA PHE A 103 -15.73 13.85 3.19
C PHE A 103 -16.10 14.02 4.66
N GLN A 104 -17.40 14.00 4.95
CA GLN A 104 -17.93 14.42 6.25
C GLN A 104 -18.90 13.37 6.75
N THR A 105 -19.43 12.54 5.83
CA THR A 105 -20.24 11.39 6.24
C THR A 105 -19.88 10.75 7.60
N LYS A 106 -20.92 10.49 8.43
CA LYS A 106 -20.73 9.99 9.80
C LYS A 106 -20.38 8.49 9.85
N PRO A 107 -19.36 8.12 10.64
CA PRO A 107 -19.00 6.69 10.61
C PRO A 107 -19.89 5.88 11.58
N LEU A 108 -20.04 4.58 11.30
CA LEU A 108 -20.85 3.61 12.04
C LEU A 108 -20.75 3.53 13.58
N ASP A 109 -19.55 3.43 14.18
CA ASP A 109 -19.57 3.11 15.67
C ASP A 109 -19.76 1.60 15.93
N GLY A 110 -18.70 0.83 15.75
CA GLY A 110 -18.81 -0.62 15.79
C GLY A 110 -19.38 -1.26 14.54
N HIS A 111 -19.70 -2.56 14.69
CA HIS A 111 -20.05 -3.48 13.60
C HIS A 111 -21.25 -3.01 12.77
N PRO A 112 -21.27 -3.30 11.46
CA PRO A 112 -20.14 -3.92 10.74
C PRO A 112 -18.82 -3.10 10.70
N PRO A 113 -17.69 -3.78 10.49
CA PRO A 113 -16.50 -2.94 10.37
C PRO A 113 -16.41 -2.47 8.91
N THR A 114 -15.46 -1.57 8.68
CA THR A 114 -15.28 -0.96 7.40
C THR A 114 -15.19 -2.00 6.26
N ALA A 115 -15.92 -1.77 5.18
CA ALA A 115 -15.92 -2.72 4.10
C ALA A 115 -14.53 -2.96 3.54
N ARG A 116 -14.28 -4.15 3.00
CA ARG A 116 -12.96 -4.48 2.47
C ARG A 116 -13.09 -5.41 1.27
N SER A 117 -12.12 -5.35 0.37
CA SER A 117 -12.15 -6.18 -0.80
C SER A 117 -10.83 -6.89 -1.04
N MSE A 118 -10.93 -8.21 -1.23
CA MSE A 118 -9.77 -9.09 -1.42
C MSE A 118 -9.52 -9.07 -2.88
O MSE A 118 -10.25 -9.72 -3.61
CB MSE A 118 -10.09 -10.56 -1.10
CG MSE A 118 -10.32 -11.01 0.35
SE MSE A 118 -9.56 -9.97 1.85
CE MSE A 118 -7.92 -9.56 0.88
N ILE A 119 -8.50 -8.33 -3.30
CA ILE A 119 -8.23 -8.19 -4.72
C ILE A 119 -7.02 -8.97 -5.20
N PHE A 120 -7.28 -9.97 -6.03
CA PHE A 120 -6.27 -10.81 -6.63
C PHE A 120 -5.91 -10.44 -8.06
N VAL A 121 -4.68 -9.96 -8.27
CA VAL A 121 -4.21 -9.56 -9.58
C VAL A 121 -3.47 -10.70 -10.31
N THR A 122 -3.90 -11.06 -11.51
CA THR A 122 -3.15 -12.05 -12.26
C THR A 122 -2.04 -11.49 -13.12
N GLU A 123 -1.32 -12.35 -13.82
CA GLU A 123 -0.09 -11.87 -14.52
C GLU A 123 -0.47 -10.86 -15.62
N ASP A 124 -1.67 -11.02 -16.16
CA ASP A 124 -2.17 -10.18 -17.24
C ASP A 124 -2.69 -8.83 -16.78
N GLY A 125 -2.71 -8.57 -15.46
CA GLY A 125 -3.06 -7.26 -14.98
C GLY A 125 -4.54 -7.25 -14.76
N GLU A 126 -5.20 -8.37 -15.07
CA GLU A 126 -6.60 -8.54 -14.74
C GLU A 126 -6.72 -8.57 -13.22
N ARG A 127 -7.90 -8.25 -12.69
CA ARG A 127 -8.05 -8.18 -11.28
C ARG A 127 -9.36 -8.86 -10.95
N SER A 128 -9.37 -9.67 -9.88
CA SER A 128 -10.57 -10.41 -9.46
C SER A 128 -10.94 -10.05 -8.02
N MSE A 129 -12.14 -9.52 -7.81
CA MSE A 129 -12.39 -8.90 -6.54
C MSE A 129 -13.41 -9.70 -5.68
O MSE A 129 -14.26 -10.42 -6.20
CB MSE A 129 -12.78 -7.45 -6.72
CG MSE A 129 -11.70 -6.53 -7.29
SE MSE A 129 -12.41 -4.69 -7.78
CE MSE A 129 -13.85 -5.49 -8.93
N ASN A 130 -13.30 -9.59 -4.36
CA ASN A 130 -14.08 -10.40 -3.50
C ASN A 130 -14.29 -9.49 -2.33
N THR A 131 -15.52 -8.99 -2.26
CA THR A 131 -15.83 -7.80 -1.45
C THR A 131 -16.81 -8.15 -0.42
N TYR A 132 -16.48 -7.77 0.80
CA TYR A 132 -17.36 -7.94 1.92
C TYR A 132 -17.84 -6.52 2.27
N LEU A 133 -19.16 -6.29 2.27
CA LEU A 133 -19.68 -4.94 2.33
C LEU A 133 -19.55 -4.22 3.68
N GLY A 134 -19.41 -4.96 4.78
CA GLY A 134 -19.23 -4.33 6.11
C GLY A 134 -20.14 -3.15 6.34
N ALA A 135 -19.62 -2.10 6.97
CA ALA A 135 -20.31 -0.82 7.17
C ALA A 135 -21.16 -0.33 5.96
N CYS A 136 -20.68 -0.41 4.72
CA CYS A 136 -21.47 -0.07 3.55
C CYS A 136 -23.00 -0.45 3.50
N VAL A 137 -23.50 -1.37 4.29
CA VAL A 137 -24.95 -1.66 4.15
C VAL A 137 -25.84 -0.62 4.86
N GLU A 138 -25.25 -0.02 5.89
CA GLU A 138 -25.78 1.10 6.70
C GLU A 138 -25.81 2.43 5.95
N LEU A 139 -25.49 2.45 4.67
CA LEU A 139 -25.50 3.73 4.01
C LEU A 139 -26.90 3.95 3.51
N GLY A 140 -27.39 5.14 3.81
CA GLY A 140 -28.69 5.49 3.33
C GLY A 140 -28.97 6.99 3.29
N PRO A 141 -30.29 7.35 3.17
CA PRO A 141 -30.76 8.71 2.95
C PRO A 141 -30.26 9.62 4.00
N GLU A 142 -30.00 9.11 5.19
CA GLU A 142 -29.65 9.98 6.31
C GLU A 142 -28.30 10.61 6.06
N ASP A 143 -27.61 10.03 5.08
CA ASP A 143 -26.20 10.33 4.83
C ASP A 143 -25.96 11.27 3.63
N VAL A 144 -27.06 11.65 2.95
CA VAL A 144 -27.07 12.75 1.98
C VAL A 144 -26.76 14.05 2.74
N GLU A 145 -25.57 14.65 2.53
CA GLU A 145 -25.36 16.06 2.87
C GLU A 145 -26.08 16.83 1.75
N ASP A 146 -26.99 17.69 2.17
CA ASP A 146 -28.03 18.27 1.35
C ASP A 146 -27.51 19.41 0.46
N ASP A 147 -26.86 20.33 1.18
CA ASP A 147 -26.23 21.52 0.66
C ASP A 147 -25.24 21.07 -0.37
N VAL A 148 -24.41 20.10 0.04
CA VAL A 148 -23.40 19.49 -0.82
C VAL A 148 -23.95 18.92 -2.15
N VAL A 149 -24.99 18.07 -2.18
CA VAL A 149 -25.53 17.68 -3.50
C VAL A 149 -25.87 18.87 -4.37
N ALA A 150 -26.52 19.89 -3.81
CA ALA A 150 -26.92 21.10 -4.54
C ALA A 150 -25.75 21.94 -5.14
N GLN A 151 -24.65 22.00 -4.40
CA GLN A 151 -23.47 22.75 -4.82
C GLN A 151 -22.53 22.03 -5.83
N SER A 152 -22.99 20.88 -6.33
CA SER A 152 -22.12 20.01 -7.09
C SER A 152 -22.65 19.78 -8.47
N LYS A 153 -21.78 20.06 -9.46
CA LYS A 153 -22.18 20.10 -10.86
C LYS A 153 -22.71 18.74 -11.31
N VAL A 154 -21.85 17.75 -11.20
CA VAL A 154 -22.31 16.39 -11.32
C VAL A 154 -22.43 15.65 -9.99
N THR A 155 -23.42 14.78 -9.89
CA THR A 155 -23.43 13.76 -8.85
C THR A 155 -23.23 12.38 -9.53
N TYR A 156 -22.25 11.63 -9.04
CA TYR A 156 -21.94 10.34 -9.64
C TYR A 156 -21.92 9.24 -8.60
N PHE A 157 -22.46 8.07 -8.97
CA PHE A 157 -22.72 6.98 -8.01
C PHE A 157 -22.63 5.62 -8.69
N GLU A 158 -22.30 4.59 -7.90
CA GLU A 158 -22.09 3.22 -8.43
C GLU A 158 -23.40 2.45 -8.63
N GLY A 159 -23.50 1.66 -9.71
CA GLY A 159 -24.44 0.56 -9.76
C GLY A 159 -24.23 -0.37 -8.55
N TYR A 160 -22.96 -0.48 -8.14
CA TYR A 160 -22.54 -1.35 -7.04
C TYR A 160 -23.37 -1.16 -5.76
N LEU A 161 -24.15 -0.08 -5.74
CA LEU A 161 -24.85 0.46 -4.57
C LEU A 161 -26.21 -0.17 -4.51
N TRP A 162 -26.59 -0.84 -5.57
CA TRP A 162 -27.81 -1.61 -5.50
C TRP A 162 -27.74 -2.75 -4.48
N ASP A 163 -26.55 -3.35 -4.30
CA ASP A 163 -26.34 -4.52 -3.44
C ASP A 163 -26.74 -4.28 -2.01
N PRO A 164 -26.22 -3.20 -1.38
CA PRO A 164 -26.67 -2.99 0.00
C PRO A 164 -28.21 -2.80 0.06
N PRO A 165 -28.73 -2.50 1.24
CA PRO A 165 -30.21 -2.57 1.27
C PRO A 165 -30.87 -1.22 0.84
N ARG A 166 -30.36 -0.13 1.45
CA ARG A 166 -30.95 1.18 1.41
C ARG A 166 -30.07 2.27 0.80
N ALA A 167 -29.24 1.89 -0.16
CA ALA A 167 -28.44 2.90 -0.80
C ALA A 167 -29.24 3.54 -1.94
N LYS A 168 -29.88 2.75 -2.83
CA LYS A 168 -30.89 3.24 -3.76
C LYS A 168 -31.83 4.39 -3.19
N ASP A 169 -32.18 4.37 -1.90
CA ASP A 169 -33.00 5.47 -1.31
C ASP A 169 -32.16 6.69 -0.85
N ALA A 170 -30.86 6.54 -0.76
CA ALA A 170 -30.04 7.72 -0.52
C ALA A 170 -29.80 8.37 -1.89
N ILE A 171 -30.07 7.59 -2.95
CA ILE A 171 -29.84 7.93 -4.36
C ILE A 171 -31.02 8.64 -5.06
N ARG A 172 -32.22 8.03 -5.07
CA ARG A 172 -33.45 8.70 -5.59
C ARG A 172 -33.34 10.15 -5.17
N GLU A 173 -32.97 10.29 -3.89
CA GLU A 173 -32.97 11.49 -3.08
C GLU A 173 -31.94 12.56 -3.44
N ALA A 174 -30.70 12.14 -3.67
CA ALA A 174 -29.66 13.03 -4.21
C ALA A 174 -29.81 13.39 -5.70
N ALA A 175 -30.41 12.47 -6.49
CA ALA A 175 -30.88 12.70 -7.85
C ALA A 175 -31.92 13.84 -7.85
N ARG A 176 -32.96 13.71 -7.03
CA ARG A 176 -33.87 14.79 -6.74
C ARG A 176 -33.14 16.08 -6.33
N ILE A 177 -32.42 16.09 -5.21
CA ILE A 177 -31.76 17.33 -4.74
C ILE A 177 -30.98 18.07 -5.81
N ALA A 178 -30.42 17.32 -6.79
CA ALA A 178 -29.35 17.83 -7.62
C ALA A 178 -29.93 18.34 -8.91
N HIS A 179 -30.87 17.57 -9.48
CA HIS A 179 -31.68 18.02 -10.61
C HIS A 179 -32.41 19.35 -10.35
N ALA A 180 -32.96 19.40 -9.15
CA ALA A 180 -33.74 20.51 -8.68
C ALA A 180 -32.83 21.73 -8.48
N HIS A 181 -31.52 21.52 -8.55
CA HIS A 181 -30.66 22.67 -8.45
C HIS A 181 -29.93 22.99 -9.76
N GLY A 182 -30.35 22.37 -10.88
CA GLY A 182 -29.73 22.63 -12.18
C GLY A 182 -28.37 21.92 -12.42
N ARG A 183 -28.30 20.69 -11.91
CA ARG A 183 -27.12 19.88 -11.83
C ARG A 183 -27.43 18.62 -12.60
N GLU A 184 -26.39 17.84 -12.84
CA GLU A 184 -26.44 16.61 -13.63
C GLU A 184 -26.06 15.38 -12.78
N THR A 185 -26.65 14.24 -13.11
CA THR A 185 -26.41 13.03 -12.35
C THR A 185 -25.68 11.99 -13.18
N ALA A 186 -24.73 11.29 -12.56
CA ALA A 186 -24.05 10.29 -13.34
C ALA A 186 -23.91 8.93 -12.66
N MSE A 187 -23.75 7.90 -13.49
CA MSE A 187 -23.39 6.59 -12.96
C MSE A 187 -22.42 5.71 -13.75
O MSE A 187 -22.41 5.72 -14.97
CB MSE A 187 -24.64 5.77 -12.71
CG MSE A 187 -25.02 4.90 -13.93
SE MSE A 187 -26.80 4.04 -13.63
CE MSE A 187 -26.40 2.87 -12.06
N THR A 188 -21.64 4.88 -13.06
CA THR A 188 -20.96 3.74 -13.69
C THR A 188 -21.77 2.45 -13.56
N LEU A 189 -21.80 1.60 -14.57
CA LEU A 189 -22.46 0.30 -14.41
C LEU A 189 -21.70 -0.69 -13.50
N SER A 190 -20.51 -0.30 -13.07
CA SER A 190 -19.74 -1.05 -12.09
C SER A 190 -19.13 -2.36 -12.62
N ASP A 191 -19.97 -3.35 -12.95
CA ASP A 191 -19.49 -4.70 -13.20
C ASP A 191 -20.53 -5.44 -13.99
N SER A 192 -20.09 -6.35 -14.82
CA SER A 192 -21.07 -6.96 -15.68
C SER A 192 -21.99 -7.93 -14.95
N PHE A 193 -21.79 -8.21 -13.67
CA PHE A 193 -22.77 -9.08 -13.00
C PHE A 193 -23.75 -8.27 -12.25
N CYS A 194 -23.29 -7.13 -11.73
CA CYS A 194 -24.14 -6.10 -11.17
C CYS A 194 -25.16 -5.85 -12.24
N VAL A 195 -24.70 -5.54 -13.45
CA VAL A 195 -25.61 -5.40 -14.60
C VAL A 195 -26.71 -6.50 -14.72
N HIS A 196 -26.39 -7.79 -14.79
CA HIS A 196 -27.48 -8.79 -14.71
C HIS A 196 -28.37 -8.69 -13.47
N ARG A 197 -27.77 -8.54 -12.29
CA ARG A 197 -28.46 -8.54 -10.98
C ARG A 197 -29.43 -7.32 -10.81
N TYR A 198 -29.29 -6.35 -11.70
CA TYR A 198 -30.12 -5.14 -11.68
C TYR A 198 -30.32 -4.54 -13.06
N ARG A 199 -30.43 -5.37 -14.11
CA ARG A 199 -30.71 -4.90 -15.50
C ARG A 199 -31.81 -3.81 -15.45
N SER A 200 -32.88 -4.15 -14.76
CA SER A 200 -34.12 -3.43 -14.87
C SER A 200 -34.03 -2.20 -14.01
N GLU A 201 -33.69 -2.35 -12.73
CA GLU A 201 -33.54 -1.18 -11.83
C GLU A 201 -32.71 -0.09 -12.48
N PHE A 202 -31.68 -0.52 -13.21
CA PHE A 202 -30.71 0.36 -13.86
C PHE A 202 -31.39 1.16 -15.02
N LEU A 203 -31.90 0.46 -16.05
CA LEU A 203 -32.71 1.05 -17.16
C LEU A 203 -33.79 2.12 -16.78
N GLU A 204 -34.71 1.70 -15.96
CA GLU A 204 -35.77 2.58 -15.50
C GLU A 204 -35.17 3.76 -14.74
N LEU A 205 -34.07 3.48 -14.08
CA LEU A 205 -33.40 4.54 -13.39
C LEU A 205 -32.79 5.51 -14.43
N MSE A 206 -32.50 5.04 -15.65
CA MSE A 206 -32.10 5.94 -16.76
C MSE A 206 -33.33 6.57 -17.41
O MSE A 206 -33.45 7.79 -17.53
CB MSE A 206 -31.33 5.19 -17.84
CG MSE A 206 -29.96 4.71 -17.45
SE MSE A 206 -29.25 3.29 -18.74
CE MSE A 206 -28.60 4.36 -20.27
N ARG A 207 -34.23 5.72 -17.89
CA ARG A 207 -35.40 6.21 -18.59
C ARG A 207 -36.18 7.27 -17.82
N SER A 208 -36.37 7.09 -16.53
CA SER A 208 -36.95 8.15 -15.70
C SER A 208 -36.11 9.47 -15.68
N GLY A 209 -34.99 9.47 -16.43
CA GLY A 209 -34.11 10.62 -16.55
C GLY A 209 -33.62 11.04 -15.18
N THR A 210 -33.79 10.11 -14.22
CA THR A 210 -33.11 10.17 -12.91
C THR A 210 -31.56 10.29 -13.02
N VAL A 211 -30.96 9.44 -13.88
CA VAL A 211 -29.56 9.47 -14.23
C VAL A 211 -29.45 10.02 -15.61
N ASP A 212 -28.68 11.08 -15.69
CA ASP A 212 -28.30 11.72 -16.92
C ASP A 212 -27.26 10.90 -17.71
N ILE A 213 -26.03 10.89 -17.18
CA ILE A 213 -24.83 10.30 -17.82
C ILE A 213 -24.48 8.84 -17.40
N VAL A 214 -24.14 8.00 -18.38
CA VAL A 214 -23.81 6.59 -18.11
C VAL A 214 -22.38 6.16 -18.49
N PHE A 215 -21.51 5.88 -17.52
CA PHE A 215 -20.18 5.25 -17.84
C PHE A 215 -20.27 3.73 -17.69
N ALA A 216 -19.64 3.02 -18.61
CA ALA A 216 -19.64 1.56 -18.66
C ALA A 216 -18.42 0.99 -19.46
N ASN A 217 -18.09 -0.29 -19.28
CA ASN A 217 -17.09 -0.87 -20.17
C ASN A 217 -17.90 -1.68 -21.20
N ARG A 218 -17.23 -2.25 -22.19
CA ARG A 218 -17.93 -2.92 -23.25
C ARG A 218 -18.78 -4.08 -22.76
N GLN A 219 -18.24 -5.01 -21.98
CA GLN A 219 -19.07 -6.14 -21.51
C GLN A 219 -20.35 -5.68 -20.81
N GLU A 220 -20.19 -4.70 -19.94
CA GLU A 220 -21.31 -4.11 -19.18
C GLU A 220 -22.40 -3.56 -20.10
N ALA A 221 -21.98 -2.80 -21.11
CA ALA A 221 -22.91 -2.36 -22.14
C ALA A 221 -23.55 -3.49 -22.98
N LEU A 222 -22.78 -4.47 -23.42
CA LEU A 222 -23.36 -5.60 -24.16
C LEU A 222 -24.45 -6.33 -23.37
N ALA A 223 -24.42 -6.17 -22.04
CA ALA A 223 -25.11 -7.07 -21.14
C ALA A 223 -26.30 -6.38 -20.58
N LEU A 224 -26.25 -5.06 -20.67
CA LEU A 224 -27.34 -4.21 -20.25
C LEU A 224 -28.50 -4.33 -21.24
N TYR A 225 -28.22 -4.66 -22.49
CA TYR A 225 -29.25 -4.91 -23.50
C TYR A 225 -29.17 -6.35 -24.00
N GLU A 226 -28.85 -7.28 -23.09
CA GLU A 226 -28.70 -8.69 -23.43
C GLU A 226 -28.38 -8.88 -24.92
N THR A 227 -27.15 -8.57 -25.34
CA THR A 227 -26.73 -8.74 -26.75
C THR A 227 -25.20 -8.84 -27.03
N GLU A 228 -24.85 -9.61 -28.05
CA GLU A 228 -23.49 -9.66 -28.51
C GLU A 228 -23.24 -8.58 -29.61
N ASP A 229 -24.30 -7.93 -30.14
CA ASP A 229 -24.10 -6.85 -31.14
C ASP A 229 -23.79 -5.49 -30.49
N PHE A 230 -22.50 -5.09 -30.55
CA PHE A 230 -22.06 -3.87 -29.87
C PHE A 230 -22.64 -2.54 -30.49
N ASP A 231 -22.76 -2.50 -31.82
CA ASP A 231 -23.32 -1.32 -32.46
C ASP A 231 -24.75 -1.11 -32.02
N ARG A 232 -25.53 -2.19 -32.04
CA ARG A 232 -26.92 -2.18 -31.63
C ARG A 232 -27.05 -1.64 -30.23
N ALA A 233 -26.12 -2.06 -29.38
CA ALA A 233 -26.14 -1.69 -27.98
C ALA A 233 -25.85 -0.20 -27.81
N LEU A 234 -24.99 0.32 -28.69
CA LEU A 234 -24.66 1.75 -28.69
C LEU A 234 -25.90 2.61 -28.98
N GLU A 235 -26.81 2.13 -29.82
CA GLU A 235 -28.05 2.86 -30.12
C GLU A 235 -28.92 2.88 -28.90
N LEU A 236 -29.19 1.72 -28.34
CA LEU A 236 -30.11 1.66 -27.23
C LEU A 236 -29.68 2.57 -26.06
N LEU A 237 -28.37 2.60 -25.85
CA LEU A 237 -27.73 3.34 -24.79
C LEU A 237 -27.84 4.86 -24.99
N ALA A 238 -27.78 5.26 -26.27
CA ALA A 238 -28.05 6.64 -26.72
C ALA A 238 -29.48 7.11 -26.48
N ARG A 239 -30.46 6.21 -26.66
CA ARG A 239 -31.88 6.43 -26.41
C ARG A 239 -32.25 6.66 -24.95
N ASP A 240 -31.44 6.09 -24.03
CA ASP A 240 -31.92 6.00 -22.64
C ASP A 240 -31.27 7.02 -21.68
N CYS A 241 -30.17 7.63 -22.16
CA CYS A 241 -29.52 8.75 -21.45
C CYS A 241 -29.08 9.91 -22.38
N LYS A 242 -28.78 11.06 -21.80
CA LYS A 242 -28.33 12.23 -22.58
C LYS A 242 -27.00 11.92 -23.21
N LEU A 243 -26.11 11.40 -22.35
CA LEU A 243 -24.67 11.23 -22.58
C LEU A 243 -24.24 9.86 -21.99
N ALA A 244 -23.37 9.17 -22.71
CA ALA A 244 -22.89 7.85 -22.29
C ALA A 244 -21.46 7.45 -22.84
N ALA A 245 -20.47 7.51 -21.95
CA ALA A 245 -19.10 7.07 -22.22
C ALA A 245 -18.86 5.54 -22.01
N VAL A 246 -18.21 4.89 -22.99
CA VAL A 246 -17.93 3.46 -22.89
C VAL A 246 -16.45 3.09 -23.02
N THR A 247 -15.84 2.56 -21.94
CA THR A 247 -14.43 2.17 -22.01
C THR A 247 -14.19 0.89 -22.83
N LEU A 248 -13.14 0.94 -23.64
CA LEU A 248 -12.75 -0.17 -24.55
C LEU A 248 -11.35 -0.69 -24.24
N SER A 249 -11.02 -0.78 -22.96
CA SER A 249 -9.71 -1.20 -22.54
C SER A 249 -8.65 -0.47 -23.36
N GLU A 250 -7.91 -1.19 -24.21
CA GLU A 250 -6.75 -0.64 -24.88
C GLU A 250 -7.14 0.18 -26.11
N GLU A 251 -8.34 -0.08 -26.63
CA GLU A 251 -8.92 0.65 -27.75
C GLU A 251 -9.23 2.11 -27.32
N GLY A 252 -9.27 2.33 -26.01
CA GLY A 252 -9.48 3.66 -25.50
C GLY A 252 -10.93 3.85 -25.13
N SER A 253 -11.67 4.71 -25.85
CA SER A 253 -13.10 4.98 -25.49
C SER A 253 -14.01 5.25 -26.69
N VAL A 254 -15.33 5.07 -26.53
CA VAL A 254 -16.31 5.57 -27.50
C VAL A 254 -17.50 6.24 -26.83
N VAL A 255 -17.47 7.56 -26.72
CA VAL A 255 -18.60 8.30 -26.17
C VAL A 255 -19.80 8.41 -27.14
N VAL A 256 -21.01 8.41 -26.64
CA VAL A 256 -22.21 8.34 -27.48
C VAL A 256 -23.26 9.42 -27.06
N ARG A 257 -23.76 10.18 -28.06
CA ARG A 257 -24.77 11.27 -27.95
C ARG A 257 -25.63 11.30 -29.23
N GLY A 258 -26.82 10.70 -29.12
CA GLY A 258 -27.63 10.34 -30.28
C GLY A 258 -26.94 9.46 -31.32
N ALA A 259 -26.47 10.10 -32.41
CA ALA A 259 -25.82 9.42 -33.55
C ALA A 259 -24.39 9.91 -33.70
N GLU A 260 -24.06 10.84 -32.80
CA GLU A 260 -22.70 11.37 -32.63
C GLU A 260 -21.84 10.36 -31.86
N ARG A 261 -20.67 9.96 -32.35
CA ARG A 261 -19.89 8.94 -31.66
C ARG A 261 -18.43 9.34 -31.64
N VAL A 262 -18.01 10.00 -30.56
CA VAL A 262 -16.61 10.38 -30.38
C VAL A 262 -15.71 9.19 -29.96
N ARG A 263 -14.96 8.60 -30.92
CA ARG A 263 -13.95 7.56 -30.62
C ARG A 263 -12.55 8.11 -30.40
N VAL A 264 -12.11 8.28 -29.15
CA VAL A 264 -10.74 8.62 -28.80
C VAL A 264 -9.98 7.38 -28.31
N GLY A 265 -8.77 7.17 -28.82
CA GLY A 265 -8.00 5.98 -28.51
C GLY A 265 -7.13 6.06 -27.26
N ALA A 266 -6.58 4.93 -26.85
CA ALA A 266 -5.94 4.88 -25.54
C ALA A 266 -4.45 4.95 -25.68
N SER A 267 -3.80 5.38 -24.63
CA SER A 267 -2.34 5.44 -24.66
C SER A 267 -1.79 4.04 -24.98
N VAL A 268 -0.50 3.97 -25.30
CA VAL A 268 0.21 2.70 -25.39
C VAL A 268 1.02 2.52 -24.13
N LEU A 269 0.73 1.48 -23.36
CA LEU A 269 1.29 1.41 -22.00
C LEU A 269 2.59 0.62 -21.93
N GLU A 270 3.46 1.10 -21.01
CA GLU A 270 4.72 0.39 -20.69
C GLU A 270 4.42 -1.08 -20.30
N GLN A 271 3.76 -1.30 -19.14
CA GLN A 271 3.20 -2.62 -18.79
C GLN A 271 1.79 -2.45 -18.27
N VAL A 272 1.01 -3.47 -18.49
CA VAL A 272 -0.23 -3.63 -17.78
C VAL A 272 0.03 -4.26 -16.38
N VAL A 273 0.26 -3.43 -15.37
CA VAL A 273 0.61 -3.91 -14.04
C VAL A 273 -0.66 -4.38 -13.29
N ASP A 274 -1.57 -3.45 -13.03
CA ASP A 274 -2.80 -3.73 -12.30
C ASP A 274 -3.90 -2.88 -12.91
N THR A 275 -4.81 -3.54 -13.60
CA THR A 275 -6.03 -2.95 -14.11
C THR A 275 -7.00 -2.32 -13.05
N THR A 276 -6.99 -2.81 -11.84
CA THR A 276 -7.77 -2.22 -10.79
C THR A 276 -7.75 -0.69 -10.84
N GLY A 277 -8.94 -0.10 -10.90
CA GLY A 277 -9.10 1.33 -10.83
C GLY A 277 -9.19 2.10 -12.12
N ALA A 278 -9.13 1.41 -13.24
CA ALA A 278 -9.09 2.04 -14.53
C ALA A 278 -10.38 2.77 -14.85
N GLY A 279 -11.44 2.03 -15.11
CA GLY A 279 -12.71 2.64 -15.39
C GLY A 279 -13.02 3.76 -14.43
N ASP A 280 -12.52 3.65 -13.23
CA ASP A 280 -12.81 4.64 -12.22
C ASP A 280 -12.07 5.90 -12.53
N LEU A 281 -10.89 5.78 -13.08
CA LEU A 281 -10.09 6.96 -13.32
C LEU A 281 -10.29 7.46 -14.72
N TYR A 282 -10.90 6.65 -15.55
CA TYR A 282 -11.32 7.12 -16.84
C TYR A 282 -12.42 8.15 -16.69
N ALA A 283 -13.36 7.84 -15.82
CA ALA A 283 -14.46 8.69 -15.56
C ALA A 283 -14.03 9.89 -14.77
N ALA A 284 -13.00 9.75 -13.97
CA ALA A 284 -12.56 10.86 -13.17
C ALA A 284 -12.01 11.93 -14.07
N GLY A 285 -11.24 11.52 -15.06
CA GLY A 285 -10.65 12.46 -15.95
C GLY A 285 -11.71 13.04 -16.83
N PHE A 286 -12.58 12.19 -17.32
CA PHE A 286 -13.62 12.67 -18.17
C PHE A 286 -14.47 13.78 -17.52
N LEU A 287 -14.82 13.61 -16.28
CA LEU A 287 -15.67 14.55 -15.61
C LEU A 287 -14.90 15.81 -15.20
N PHE A 288 -13.59 15.66 -15.05
CA PHE A 288 -12.75 16.82 -14.80
C PHE A 288 -12.81 17.68 -16.04
N GLY A 289 -12.84 17.02 -17.19
CA GLY A 289 -12.98 17.73 -18.45
C GLY A 289 -14.38 18.33 -18.55
N TYR A 290 -15.35 17.46 -18.55
CA TYR A 290 -16.76 17.81 -18.61
C TYR A 290 -17.29 18.95 -17.68
N THR A 291 -16.71 19.13 -16.50
CA THR A 291 -17.18 20.17 -15.57
C THR A 291 -16.29 21.41 -15.60
N SER A 292 -15.34 21.43 -16.53
CA SER A 292 -14.75 22.71 -16.86
C SER A 292 -14.96 22.97 -18.36
N GLY A 293 -16.18 22.68 -18.82
CA GLY A 293 -16.57 22.70 -20.22
C GLY A 293 -15.46 22.39 -21.21
N ARG A 294 -15.52 21.19 -21.79
CA ARG A 294 -14.54 20.71 -22.76
C ARG A 294 -15.17 19.73 -23.75
N SER A 295 -14.55 19.54 -24.89
CA SER A 295 -15.19 18.76 -25.93
C SER A 295 -15.38 17.39 -25.38
N LEU A 296 -16.27 16.60 -25.97
CA LEU A 296 -16.28 15.15 -25.76
C LEU A 296 -14.92 14.58 -26.16
N GLU A 297 -14.36 15.15 -27.21
CA GLU A 297 -13.06 14.79 -27.71
C GLU A 297 -12.02 14.94 -26.59
N GLU A 298 -11.91 16.13 -26.01
CA GLU A 298 -10.87 16.38 -25.02
C GLU A 298 -11.26 15.73 -23.69
N CYS A 299 -12.50 15.27 -23.64
CA CYS A 299 -12.99 14.57 -22.46
C CYS A 299 -12.47 13.13 -22.58
N SER A 300 -12.80 12.41 -23.66
CA SER A 300 -12.32 11.06 -23.74
C SER A 300 -10.82 11.08 -23.48
N LYS A 301 -10.16 12.14 -23.87
CA LYS A 301 -8.69 12.13 -23.81
C LYS A 301 -8.31 12.13 -22.34
N LEU A 302 -8.96 13.00 -21.58
CA LEU A 302 -8.63 13.10 -20.17
C LEU A 302 -8.94 11.76 -19.51
N GLY A 303 -9.92 11.05 -20.08
CA GLY A 303 -10.26 9.72 -19.67
C GLY A 303 -9.10 8.76 -19.74
N ASN A 304 -8.68 8.47 -20.98
CA ASN A 304 -7.66 7.46 -21.18
C ASN A 304 -6.36 7.85 -20.48
N LEU A 305 -5.94 9.10 -20.61
CA LEU A 305 -4.75 9.57 -19.92
C LEU A 305 -4.73 9.16 -18.43
N ALA A 306 -5.87 9.32 -17.76
CA ALA A 306 -5.99 9.03 -16.30
C ALA A 306 -6.06 7.53 -16.02
N ALA A 307 -6.89 6.81 -16.78
CA ALA A 307 -6.94 5.38 -16.72
C ALA A 307 -5.51 4.76 -16.77
N GLY A 308 -4.79 5.13 -17.83
CA GLY A 308 -3.55 4.48 -18.18
C GLY A 308 -2.51 4.70 -17.11
N ILE A 309 -2.39 5.90 -16.54
CA ILE A 309 -1.46 6.13 -15.45
C ILE A 309 -1.70 5.18 -14.25
N VAL A 310 -2.94 4.82 -14.00
CA VAL A 310 -3.26 4.10 -12.75
C VAL A 310 -3.05 2.57 -12.89
N ILE A 311 -3.08 2.13 -14.15
CA ILE A 311 -2.84 0.77 -14.59
C ILE A 311 -1.32 0.43 -14.52
N GLY A 312 -0.47 1.44 -14.53
CA GLY A 312 0.93 1.18 -14.22
C GLY A 312 1.18 1.10 -12.70
N GLN A 313 0.30 0.49 -11.91
CA GLN A 313 0.45 0.63 -10.46
C GLN A 313 -0.30 -0.45 -9.72
N ILE A 314 0.32 -1.03 -8.70
CA ILE A 314 -0.43 -1.89 -7.79
C ILE A 314 -1.12 -0.83 -7.07
N GLY A 315 -2.46 -0.88 -7.07
CA GLY A 315 -3.27 0.20 -6.50
C GLY A 315 -4.22 0.91 -7.46
N PRO A 316 -5.39 1.38 -6.95
CA PRO A 316 -6.41 2.05 -7.79
C PRO A 316 -6.34 3.62 -7.73
N ARG A 317 -5.48 4.24 -6.90
CA ARG A 317 -5.46 5.70 -6.78
C ARG A 317 -4.08 6.35 -6.93
N PRO A 318 -3.99 7.40 -7.75
CA PRO A 318 -2.75 8.22 -7.89
C PRO A 318 -2.35 8.72 -6.54
N LEU A 319 -1.13 8.59 -6.08
CA LEU A 319 -0.79 9.01 -4.72
C LEU A 319 -0.15 10.40 -4.70
N VAL A 320 -0.17 11.04 -5.87
CA VAL A 320 0.30 12.41 -6.04
C VAL A 320 -0.58 13.02 -7.14
N SER A 321 -0.82 14.35 -7.01
CA SER A 321 -1.54 15.13 -8.00
C SER A 321 -1.24 14.74 -9.51
N LEU A 322 -2.19 14.13 -10.22
CA LEU A 322 -2.01 13.95 -11.67
C LEU A 322 -1.88 15.30 -12.41
N ALA A 323 -2.53 16.34 -11.90
CA ALA A 323 -2.33 17.65 -12.52
C ALA A 323 -0.79 17.90 -12.66
N THR A 324 -0.11 18.02 -11.51
CA THR A 324 1.31 18.29 -11.41
C THR A 324 2.27 17.24 -12.06
N ALA A 325 1.95 15.95 -11.93
CA ALA A 325 2.76 14.89 -12.47
C ALA A 325 2.62 14.86 -13.97
N ALA A 326 1.38 14.89 -14.49
CA ALA A 326 1.26 14.66 -15.96
C ALA A 326 1.94 15.79 -16.76
N ARG A 327 1.63 17.02 -16.38
CA ARG A 327 2.37 18.20 -16.85
C ARG A 327 3.89 18.03 -16.78
N GLN A 328 4.42 17.81 -15.58
CA GLN A 328 5.86 17.70 -15.31
C GLN A 328 6.62 16.58 -16.06
N ALA A 329 5.98 15.41 -16.19
CA ALA A 329 6.43 14.34 -17.05
C ALA A 329 6.61 14.91 -18.41
N ALA A 330 5.50 15.39 -18.99
CA ALA A 330 5.52 16.03 -20.30
C ALA A 330 6.68 17.06 -20.49
N LEU A 331 6.95 17.87 -19.47
CA LEU A 331 8.06 18.81 -19.60
C LEU A 331 9.44 18.16 -19.64
N VAL A 332 9.59 17.03 -18.96
CA VAL A 332 10.91 16.47 -18.77
C VAL A 332 11.26 15.66 -20.03
N ALA A 333 10.27 14.96 -20.62
CA ALA A 333 10.44 14.29 -21.91
C ALA A 333 10.90 15.29 -22.98
N GLU A 334 10.08 16.31 -23.26
CA GLU A 334 10.55 17.45 -24.03
C GLU A 334 12.03 17.72 -23.83
N ASN A 335 12.42 18.10 -22.61
CA ASN A 335 13.80 18.50 -22.45
C ASN A 335 14.85 17.36 -22.51
N LEU A 336 14.41 16.10 -22.36
CA LEU A 336 15.26 14.92 -22.58
C LEU A 336 15.45 14.66 -24.09
N TYR A 337 14.37 14.80 -24.85
CA TYR A 337 14.41 14.65 -26.27
C TYR A 337 15.07 15.84 -26.98
N PHE A 338 15.56 16.80 -26.19
CA PHE A 338 16.00 18.08 -26.73
C PHE A 338 15.04 18.63 -27.80
N GLN A 339 13.77 18.74 -27.41
CA GLN A 339 12.72 19.44 -28.17
C GLN A 339 12.41 20.79 -27.51
N SER A 340 11.95 21.74 -28.34
CA SER A 340 11.62 23.10 -27.84
C SER A 340 10.15 23.07 -27.29
N HIS A 341 9.83 23.89 -26.28
CA HIS A 341 8.46 23.84 -25.69
C HIS A 341 7.37 24.56 -26.49
N ALA B 4 18.48 -28.08 14.63
CA ALA B 4 17.84 -26.75 14.51
C ALA B 4 16.57 -26.70 13.59
N LYS B 5 15.56 -25.94 14.01
CA LYS B 5 14.34 -25.76 13.19
C LYS B 5 14.20 -24.44 12.35
N TYR B 6 14.78 -23.35 12.80
CA TYR B 6 14.70 -22.13 12.07
C TYR B 6 16.08 -21.70 11.76
N ASP B 7 16.24 -21.06 10.62
CA ASP B 7 17.48 -20.45 10.21
C ASP B 7 17.63 -19.14 10.94
N VAL B 8 16.64 -18.25 10.81
CA VAL B 8 16.74 -16.96 11.46
C VAL B 8 15.55 -16.66 12.31
N LEU B 9 15.77 -16.12 13.51
CA LEU B 9 14.67 -15.62 14.35
C LEU B 9 14.89 -14.13 14.46
N THR B 10 13.89 -13.34 14.15
CA THR B 10 14.09 -11.93 14.46
C THR B 10 13.15 -11.44 15.54
N ILE B 11 13.57 -10.40 16.23
CA ILE B 11 12.78 -9.80 17.29
C ILE B 11 12.83 -8.33 17.10
N GLY B 12 11.69 -7.70 17.13
CA GLY B 12 11.65 -6.32 16.68
C GLY B 12 10.33 -5.69 16.96
N ASN B 13 10.35 -4.36 16.96
CA ASN B 13 9.17 -3.51 16.99
C ASN B 13 8.21 -3.81 15.89
N ALA B 14 7.13 -4.52 16.17
CA ALA B 14 6.19 -4.84 15.12
C ALA B 14 5.40 -3.60 14.66
N ILE B 15 5.56 -3.15 13.42
CA ILE B 15 5.03 -1.90 12.92
C ILE B 15 4.33 -2.00 11.56
N VAL B 16 3.21 -1.28 11.37
CA VAL B 16 2.63 -1.16 10.06
C VAL B 16 2.97 0.19 9.45
N ASP B 17 3.59 0.13 8.26
CA ASP B 17 3.97 1.32 7.51
C ASP B 17 2.83 2.00 6.72
N ILE B 18 2.79 3.32 6.85
CA ILE B 18 1.86 4.14 6.11
C ILE B 18 2.74 5.09 5.34
N ILE B 19 2.60 5.02 4.02
CA ILE B 19 3.61 5.53 3.13
C ILE B 19 3.08 6.51 2.10
N ALA B 20 3.76 7.64 1.97
CA ALA B 20 3.35 8.64 0.97
C ALA B 20 4.43 9.59 0.59
N ARG B 21 4.23 10.22 -0.57
CA ARG B 21 5.23 11.17 -1.07
C ARG B 21 5.09 12.54 -0.40
N CYS B 22 6.21 13.22 -0.30
CA CYS B 22 6.19 14.62 0.10
C CYS B 22 7.45 15.24 -0.50
N ASP B 23 7.58 16.56 -0.43
CA ASP B 23 8.82 17.18 -0.89
C ASP B 23 9.68 17.50 0.32
N ASP B 24 10.86 18.06 0.08
CA ASP B 24 11.79 18.46 1.14
C ASP B 24 11.21 19.53 2.07
N SER B 25 10.54 20.51 1.49
CA SER B 25 10.05 21.61 2.31
C SER B 25 9.05 21.07 3.32
N PHE B 26 8.31 20.05 2.89
CA PHE B 26 7.36 19.47 3.81
C PHE B 26 8.09 18.97 5.03
N LEU B 27 9.17 18.23 4.85
CA LEU B 27 9.84 17.65 6.02
C LEU B 27 10.27 18.69 7.07
N GLU B 28 10.67 19.86 6.59
CA GLU B 28 11.26 20.86 7.49
C GLU B 28 10.24 21.79 8.16
N GLU B 29 9.11 22.06 7.51
CA GLU B 29 7.96 22.71 8.17
C GLU B 29 7.46 21.89 9.30
N ASN B 30 7.62 20.57 9.19
CA ASN B 30 7.21 19.69 10.29
C ASN B 30 8.35 19.23 11.20
N GLY B 31 9.51 19.86 11.10
CA GLY B 31 10.62 19.49 11.97
C GLY B 31 10.87 17.98 12.04
N ILE B 32 10.82 17.33 10.88
CA ILE B 32 11.12 15.91 10.73
C ILE B 32 12.54 15.75 10.18
N ILE B 33 13.43 15.11 10.93
CA ILE B 33 14.75 14.82 10.38
C ILE B 33 14.66 13.83 9.23
N LYS B 34 15.19 14.24 8.07
CA LYS B 34 15.12 13.48 6.85
C LYS B 34 16.05 12.27 6.90
N GLY B 35 15.52 11.08 6.60
CA GLY B 35 16.34 9.88 6.50
C GLY B 35 16.42 9.20 7.85
N ALA B 36 15.82 9.84 8.86
CA ALA B 36 16.00 9.38 10.22
C ALA B 36 14.76 8.66 10.69
N MSE B 37 14.84 7.93 11.79
CA MSE B 37 13.58 7.46 12.38
C MSE B 37 13.22 8.35 13.60
O MSE B 37 13.96 8.40 14.60
CB MSE B 37 13.59 5.97 12.73
CG MSE B 37 13.74 5.70 14.20
SE MSE B 37 12.09 5.59 15.34
CE MSE B 37 10.82 6.51 14.15
N ASN B 38 12.09 9.05 13.46
CA ASN B 38 11.58 10.03 14.43
C ASN B 38 10.53 9.45 15.36
N LEU B 39 10.80 9.40 16.65
CA LEU B 39 9.75 8.91 17.54
C LEU B 39 8.66 9.98 17.77
N ILE B 40 7.39 9.57 17.86
CA ILE B 40 6.30 10.52 18.00
C ILE B 40 5.26 9.90 18.95
N ASN B 41 4.63 10.72 19.84
CA ASN B 41 3.47 10.25 20.67
C ASN B 41 2.23 10.03 19.78
N ALA B 42 1.12 9.63 20.39
CA ALA B 42 -0.09 9.34 19.63
C ALA B 42 -0.62 10.62 18.98
N ASP B 43 -0.39 11.74 19.68
CA ASP B 43 -1.00 13.01 19.30
C ASP B 43 -0.27 13.57 18.09
N ARG B 44 1.07 13.51 18.13
CA ARG B 44 1.87 13.77 16.91
C ARG B 44 1.48 12.85 15.72
N ALA B 45 1.07 11.61 15.98
CA ALA B 45 0.67 10.72 14.91
C ALA B 45 -0.60 11.19 14.20
N GLU B 46 -1.63 11.51 14.96
CA GLU B 46 -2.91 11.97 14.41
C GLU B 46 -2.70 13.24 13.57
N LEU B 47 -1.77 14.06 14.06
CA LEU B 47 -1.56 15.37 13.49
C LEU B 47 -0.82 15.26 12.16
N LEU B 48 0.40 14.71 12.19
CA LEU B 48 1.13 14.32 10.98
C LEU B 48 0.23 13.64 9.95
N TYR B 49 -0.48 12.61 10.39
CA TYR B 49 -1.34 11.86 9.50
C TYR B 49 -2.26 12.79 8.72
N SER B 50 -2.82 13.80 9.37
CA SER B 50 -3.79 14.67 8.74
C SER B 50 -3.13 15.55 7.69
N ARG B 51 -1.95 16.07 8.05
CA ARG B 51 -1.08 16.81 7.11
C ARG B 51 -0.45 15.95 5.93
N MSE B 52 -0.70 14.66 5.91
CA MSE B 52 -0.01 13.80 4.96
C MSE B 52 -0.92 13.48 3.79
O MSE B 52 -2.14 13.33 3.97
CB MSE B 52 0.46 12.53 5.68
CG MSE B 52 1.21 11.48 4.89
SE MSE B 52 1.37 9.65 5.78
CE MSE B 52 -0.28 8.98 5.04
N GLY B 53 -0.34 13.42 2.60
CA GLY B 53 -1.05 13.03 1.40
C GLY B 53 -1.61 11.61 1.38
N PRO B 54 -2.34 11.26 0.30
CA PRO B 54 -2.93 9.91 0.26
C PRO B 54 -1.80 8.86 0.46
N ALA B 55 -2.09 7.83 1.24
CA ALA B 55 -1.02 6.92 1.54
C ALA B 55 -1.46 5.56 1.11
N VAL B 56 -0.47 4.66 1.12
CA VAL B 56 -0.66 3.23 0.80
C VAL B 56 -0.14 2.52 2.08
N GLU B 57 -0.64 1.33 2.39
CA GLU B 57 -0.09 0.67 3.60
C GLU B 57 0.42 -0.77 3.47
N ALA B 58 1.45 -1.04 4.25
CA ALA B 58 2.18 -2.29 4.19
C ALA B 58 2.91 -2.68 5.49
N SER B 59 2.74 -3.94 5.90
CA SER B 59 3.57 -4.45 6.97
C SER B 59 5.04 -4.05 6.91
N GLY B 60 5.53 -3.51 8.01
CA GLY B 60 6.87 -3.03 8.14
C GLY B 60 7.56 -3.68 9.32
N GLY B 61 8.30 -2.86 10.03
CA GLY B 61 9.11 -3.32 11.13
C GLY B 61 10.44 -3.84 10.68
N SER B 62 11.49 -3.11 11.01
CA SER B 62 12.87 -3.48 10.65
C SER B 62 13.21 -4.97 10.77
N ALA B 63 13.14 -5.58 11.95
CA ALA B 63 13.23 -7.07 12.07
C ALA B 63 12.14 -7.87 11.32
N GLY B 64 10.89 -7.38 11.31
CA GLY B 64 9.80 -8.00 10.59
C GLY B 64 10.16 -8.20 9.14
N ASN B 65 10.77 -7.17 8.53
CA ASN B 65 11.06 -7.21 7.11
C ASN B 65 12.14 -8.23 6.88
N THR B 66 13.19 -8.13 7.69
CA THR B 66 14.31 -9.05 7.64
C THR B 66 13.87 -10.54 7.74
N ALA B 67 12.87 -10.79 8.55
CA ALA B 67 12.37 -12.16 8.72
C ALA B 67 11.58 -12.65 7.49
N ALA B 68 10.66 -11.81 6.99
CA ALA B 68 10.02 -11.98 5.67
C ALA B 68 11.04 -12.18 4.54
N GLY B 69 12.13 -11.43 4.65
CA GLY B 69 13.19 -11.53 3.68
C GLY B 69 13.74 -12.94 3.67
N VAL B 70 14.19 -13.43 4.83
CA VAL B 70 14.73 -14.80 4.94
C VAL B 70 13.75 -15.84 4.39
N ALA B 71 12.47 -15.71 4.75
CA ALA B 71 11.46 -16.65 4.23
C ALA B 71 11.31 -16.59 2.69
N SER B 72 11.31 -15.38 2.14
CA SER B 72 11.07 -15.22 0.72
C SER B 72 12.22 -15.88 -0.03
N LEU B 73 13.44 -15.66 0.45
CA LEU B 73 14.62 -16.33 -0.13
C LEU B 73 14.61 -17.87 -0.03
N GLY B 74 13.79 -18.46 0.86
CA GLY B 74 13.82 -19.91 1.00
C GLY B 74 14.27 -20.45 2.36
N GLY B 75 14.69 -19.56 3.25
CA GLY B 75 15.09 -19.96 4.60
C GLY B 75 13.87 -20.22 5.46
N ARG B 76 14.07 -20.74 6.67
CA ARG B 76 13.03 -20.89 7.68
C ARG B 76 13.17 -19.74 8.70
N ALA B 77 12.11 -19.00 8.97
CA ALA B 77 12.28 -17.89 9.85
C ALA B 77 11.15 -17.88 10.85
N ALA B 78 11.39 -17.12 11.92
CA ALA B 78 10.41 -16.87 12.95
C ALA B 78 10.54 -15.45 13.44
N TYR B 79 9.50 -14.99 14.12
CA TYR B 79 9.49 -13.62 14.61
C TYR B 79 8.82 -13.41 15.95
N PHE B 80 9.43 -12.55 16.76
CA PHE B 80 8.76 -11.98 17.93
C PHE B 80 8.46 -10.46 17.85
N GLY B 81 7.22 -10.11 18.17
CA GLY B 81 6.90 -8.71 18.32
C GLY B 81 5.47 -8.53 18.72
N LYS B 82 5.18 -7.36 19.28
CA LYS B 82 3.95 -7.07 19.96
C LYS B 82 2.99 -6.27 19.09
N VAL B 83 1.84 -6.86 18.77
CA VAL B 83 0.77 -6.10 18.15
C VAL B 83 -0.44 -6.12 19.07
N ALA B 84 -1.43 -5.30 18.75
CA ALA B 84 -2.69 -5.34 19.44
C ALA B 84 -3.74 -6.15 18.73
N ASP B 85 -4.82 -6.43 19.41
CA ASP B 85 -5.85 -7.28 18.82
C ASP B 85 -6.70 -6.54 17.78
N ASP B 86 -6.16 -5.47 17.18
CA ASP B 86 -6.92 -4.58 16.29
C ASP B 86 -6.65 -4.94 14.83
N GLN B 87 -7.10 -4.08 13.92
CA GLN B 87 -7.16 -4.38 12.49
C GLN B 87 -5.75 -4.30 11.87
N LEU B 88 -5.00 -3.30 12.28
CA LEU B 88 -3.58 -3.26 12.00
C LEU B 88 -2.80 -4.50 12.47
N GLY B 89 -3.03 -4.96 13.71
CA GLY B 89 -2.43 -6.16 14.22
C GLY B 89 -2.83 -7.35 13.38
N GLU B 90 -4.08 -7.37 12.91
CA GLU B 90 -4.52 -8.54 12.18
C GLU B 90 -3.84 -8.65 10.82
N ILE B 91 -3.63 -7.48 10.20
CA ILE B 91 -2.87 -7.40 8.94
C ILE B 91 -1.39 -7.78 9.12
N PHE B 92 -0.79 -7.22 10.15
CA PHE B 92 0.61 -7.49 10.39
C PHE B 92 0.79 -8.99 10.49
N THR B 93 -0.09 -9.60 11.25
CA THR B 93 -0.11 -11.00 11.49
C THR B 93 -0.27 -11.76 10.20
N HIS B 94 -1.23 -11.39 9.36
CA HIS B 94 -1.43 -12.12 8.12
C HIS B 94 -0.17 -12.07 7.24
N ASP B 95 0.44 -10.89 7.14
CA ASP B 95 1.48 -10.68 6.12
C ASP B 95 2.65 -11.50 6.51
N ILE B 96 3.09 -11.41 7.73
CA ILE B 96 4.26 -12.16 8.13
C ILE B 96 3.98 -13.67 8.17
N ARG B 97 2.79 -14.09 8.58
CA ARG B 97 2.49 -15.50 8.46
C ARG B 97 2.45 -15.95 7.02
N ALA B 98 1.95 -15.10 6.10
CA ALA B 98 1.86 -15.55 4.72
C ALA B 98 3.19 -15.66 4.03
N GLN B 99 4.24 -15.00 4.51
CA GLN B 99 5.60 -15.33 4.07
C GLN B 99 6.04 -16.76 4.50
N GLY B 100 5.35 -17.39 5.46
CA GLY B 100 5.82 -18.67 5.94
C GLY B 100 6.63 -18.52 7.22
N VAL B 101 6.66 -17.32 7.76
CA VAL B 101 7.33 -17.07 9.02
C VAL B 101 6.48 -17.52 10.16
N HIS B 102 7.11 -18.07 11.17
CA HIS B 102 6.43 -18.51 12.37
C HIS B 102 6.29 -17.28 13.25
N PHE B 103 5.05 -16.97 13.59
CA PHE B 103 4.73 -15.86 14.48
C PHE B 103 3.52 -16.22 15.39
N GLN B 104 3.74 -16.21 16.70
CA GLN B 104 2.79 -16.79 17.69
C GLN B 104 2.66 -15.85 18.84
N THR B 105 3.59 -14.92 18.98
CA THR B 105 3.47 -13.89 20.01
C THR B 105 2.03 -13.39 20.21
N LYS B 106 1.66 -13.21 21.47
CA LYS B 106 0.30 -12.98 21.77
C LYS B 106 0.07 -11.48 21.76
N PRO B 107 -0.99 -11.07 21.05
CA PRO B 107 -1.39 -9.67 21.03
C PRO B 107 -2.11 -9.13 22.33
N LEU B 108 -1.92 -7.83 22.47
CA LEU B 108 -2.34 -6.98 23.57
C LEU B 108 -3.79 -7.01 24.08
N ASP B 109 -4.79 -7.07 23.19
CA ASP B 109 -6.22 -6.85 23.66
C ASP B 109 -6.37 -5.40 24.14
N GLY B 110 -6.92 -4.57 23.27
CA GLY B 110 -7.09 -3.18 23.66
C GLY B 110 -5.81 -2.36 23.56
N HIS B 111 -5.77 -1.23 24.27
CA HIS B 111 -4.69 -0.24 24.21
C HIS B 111 -3.40 -0.69 24.87
N PRO B 112 -2.25 -0.12 24.43
CA PRO B 112 -2.17 0.71 23.20
C PRO B 112 -2.47 -0.07 21.87
N PRO B 113 -2.87 0.66 20.80
CA PRO B 113 -3.07 -0.06 19.53
C PRO B 113 -1.75 -0.44 18.77
N THR B 114 -1.88 -1.29 17.77
CA THR B 114 -0.76 -1.64 16.87
C THR B 114 0.12 -0.45 16.34
N ALA B 115 1.42 -0.52 16.59
CA ALA B 115 2.34 0.53 16.16
C ALA B 115 2.21 0.82 14.66
N ARG B 116 2.58 2.03 14.26
CA ARG B 116 2.47 2.42 12.86
C ARG B 116 3.43 3.57 12.59
N SER B 117 4.02 3.57 11.42
CA SER B 117 5.08 4.51 11.17
C SER B 117 4.68 5.23 9.93
N MSE B 118 4.64 6.55 10.02
CA MSE B 118 4.41 7.29 8.80
C MSE B 118 5.65 7.66 8.13
O MSE B 118 6.48 8.42 8.67
CB MSE B 118 3.51 8.46 8.97
CG MSE B 118 2.05 7.94 8.98
SE MSE B 118 1.37 8.87 10.53
CE MSE B 118 -0.19 7.73 10.94
N ILE B 119 5.79 7.03 6.96
CA ILE B 119 6.97 7.08 6.17
C ILE B 119 6.73 8.03 5.01
N PHE B 120 7.52 9.08 5.03
CA PHE B 120 7.48 10.10 4.01
C PHE B 120 8.63 9.89 3.10
N VAL B 121 8.34 9.59 1.85
CA VAL B 121 9.40 9.40 0.84
C VAL B 121 9.50 10.63 -0.05
N THR B 122 10.66 11.27 -0.02
CA THR B 122 11.01 12.30 -0.99
C THR B 122 11.46 11.71 -2.33
N GLU B 123 11.70 12.60 -3.29
CA GLU B 123 11.94 12.25 -4.70
C GLU B 123 13.18 11.48 -4.97
N ASP B 124 14.18 11.76 -4.15
CA ASP B 124 15.41 11.01 -4.16
C ASP B 124 15.27 9.63 -3.54
N GLY B 125 14.07 9.28 -3.05
CA GLY B 125 13.81 7.99 -2.44
C GLY B 125 14.41 7.81 -1.06
N GLU B 126 14.90 8.88 -0.50
CA GLU B 126 15.26 8.83 0.88
C GLU B 126 13.94 8.67 1.58
N ARG B 127 13.98 8.09 2.76
CA ARG B 127 12.74 7.90 3.51
C ARG B 127 12.84 8.46 4.95
N SER B 128 11.85 9.25 5.35
CA SER B 128 11.91 9.84 6.69
C SER B 128 10.72 9.32 7.49
N MSE B 129 11.00 8.67 8.64
CA MSE B 129 9.94 7.93 9.34
C MSE B 129 9.50 8.52 10.65
O MSE B 129 10.30 8.92 11.48
CB MSE B 129 10.32 6.46 9.59
CG MSE B 129 10.84 5.74 8.35
SE MSE B 129 11.55 3.90 8.68
CE MSE B 129 13.18 4.28 9.75
N ASN B 130 8.21 8.51 10.86
CA ASN B 130 7.69 9.01 12.11
C ASN B 130 6.82 7.93 12.73
N THR B 131 7.44 7.22 13.67
CA THR B 131 6.89 6.01 14.29
C THR B 131 6.34 6.25 15.69
N TYR B 132 5.09 5.79 15.86
CA TYR B 132 4.39 5.67 17.15
C TYR B 132 4.35 4.21 17.60
N LEU B 133 5.04 3.97 18.71
CA LEU B 133 5.32 2.62 19.19
C LEU B 133 4.09 1.82 19.58
N GLY B 134 2.99 2.48 19.98
CA GLY B 134 1.75 1.81 20.40
C GLY B 134 1.97 0.48 21.12
N ALA B 135 1.32 -0.60 20.67
CA ALA B 135 1.42 -1.91 21.30
C ALA B 135 2.88 -2.38 21.59
N CYS B 136 3.86 -1.85 20.86
CA CYS B 136 5.23 -2.29 21.05
C CYS B 136 5.87 -2.10 22.44
N VAL B 137 5.45 -1.11 23.22
CA VAL B 137 6.05 -0.99 24.57
C VAL B 137 5.80 -2.22 25.48
N GLU B 138 4.71 -2.92 25.19
CA GLU B 138 4.27 -4.09 25.93
C GLU B 138 5.07 -5.33 25.65
N LEU B 139 6.18 -5.15 24.96
CA LEU B 139 6.96 -6.31 24.63
C LEU B 139 8.02 -6.54 25.72
N GLY B 140 8.15 -7.78 26.15
CA GLY B 140 9.13 -8.06 27.16
C GLY B 140 9.40 -9.53 27.32
N PRO B 141 10.20 -9.90 28.35
CA PRO B 141 10.73 -11.25 28.57
C PRO B 141 9.67 -12.34 28.49
N GLU B 142 8.43 -11.94 28.63
CA GLU B 142 7.40 -12.94 28.78
C GLU B 142 7.02 -13.39 27.43
N ASP B 143 7.38 -12.57 26.44
CA ASP B 143 7.12 -12.84 25.00
C ASP B 143 8.17 -13.72 24.26
N VAL B 144 9.29 -14.05 24.93
CA VAL B 144 10.31 -14.93 24.34
C VAL B 144 9.77 -16.35 24.26
N GLU B 145 9.81 -17.00 23.10
CA GLU B 145 9.45 -18.40 23.10
C GLU B 145 10.71 -19.23 23.23
N ASP B 146 11.05 -19.60 24.45
CA ASP B 146 12.23 -20.46 24.72
C ASP B 146 12.58 -21.51 23.68
N ASP B 147 11.64 -22.37 23.30
CA ASP B 147 12.01 -23.47 22.40
C ASP B 147 12.44 -22.92 21.04
N VAL B 148 11.70 -21.92 20.59
CA VAL B 148 11.97 -21.30 19.30
C VAL B 148 13.36 -20.68 19.26
N VAL B 149 13.77 -19.92 20.29
CA VAL B 149 15.13 -19.37 20.33
C VAL B 149 16.25 -20.42 20.35
N ALA B 150 16.07 -21.47 21.09
CA ALA B 150 17.00 -22.59 21.06
C ALA B 150 17.02 -23.30 19.73
N GLN B 151 15.88 -23.33 19.03
CA GLN B 151 15.83 -24.00 17.71
C GLN B 151 16.34 -23.17 16.50
N SER B 152 16.77 -21.93 16.71
CA SER B 152 17.01 -21.03 15.59
C SER B 152 18.50 -20.69 15.50
N LYS B 153 19.11 -20.88 14.33
CA LYS B 153 20.56 -20.78 14.18
C LYS B 153 21.04 -19.39 14.44
N VAL B 154 20.30 -18.38 13.98
CA VAL B 154 20.67 -17.03 14.35
C VAL B 154 19.51 -16.30 14.94
N THR B 155 19.75 -15.45 15.93
CA THR B 155 18.68 -14.70 16.56
C THR B 155 19.05 -13.25 16.31
N TYR B 156 18.22 -12.54 15.55
CA TYR B 156 18.55 -11.20 15.11
C TYR B 156 17.55 -10.25 15.70
N PHE B 157 18.00 -9.06 16.13
CA PHE B 157 17.12 -8.11 16.88
C PHE B 157 17.50 -6.64 16.63
N GLU B 158 16.54 -5.74 16.71
CA GLU B 158 16.77 -4.36 16.34
C GLU B 158 17.42 -3.60 17.49
N GLY B 159 18.31 -2.67 17.20
CA GLY B 159 18.77 -1.72 18.21
C GLY B 159 17.63 -0.76 18.54
N TYR B 160 16.58 -0.79 17.72
CA TYR B 160 15.41 0.08 17.87
C TYR B 160 14.61 -0.29 19.12
N LEU B 161 15.00 -1.41 19.74
CA LEU B 161 14.27 -2.00 20.87
C LEU B 161 14.71 -1.45 22.23
N TRP B 162 15.69 -0.55 22.23
CA TRP B 162 16.09 0.13 23.44
C TRP B 162 15.18 1.36 23.70
N ASP B 163 14.39 1.77 22.72
CA ASP B 163 13.38 2.80 22.98
C ASP B 163 12.21 2.32 23.89
N PRO B 164 11.55 1.22 23.53
CA PRO B 164 10.55 0.77 24.49
C PRO B 164 11.23 0.35 25.83
N PRO B 165 10.43 0.26 26.90
CA PRO B 165 10.91 0.14 28.26
C PRO B 165 11.58 -1.20 28.50
N ARG B 166 10.92 -2.30 28.13
CA ARG B 166 11.33 -3.65 28.60
C ARG B 166 11.78 -4.60 27.46
N ALA B 167 12.09 -4.01 26.31
CA ALA B 167 12.38 -4.82 25.18
C ALA B 167 13.74 -5.48 25.42
N LYS B 168 14.69 -4.67 25.86
CA LYS B 168 16.05 -5.13 26.07
C LYS B 168 16.11 -6.28 27.04
N ASP B 169 15.13 -6.38 27.94
CA ASP B 169 15.13 -7.53 28.83
C ASP B 169 14.76 -8.80 28.08
N ALA B 170 13.72 -8.73 27.25
CA ALA B 170 13.40 -9.84 26.36
C ALA B 170 14.66 -10.26 25.59
N ILE B 171 15.47 -9.26 25.27
CA ILE B 171 16.66 -9.48 24.49
C ILE B 171 17.77 -10.18 25.28
N ARG B 172 18.04 -9.71 26.50
CA ARG B 172 19.20 -10.25 27.20
C ARG B 172 18.88 -11.73 27.37
N GLU B 173 17.59 -12.01 27.54
CA GLU B 173 17.07 -13.37 27.72
C GLU B 173 17.30 -14.18 26.46
N ALA B 174 16.99 -13.62 25.32
CA ALA B 174 17.05 -14.47 24.15
C ALA B 174 18.50 -14.72 23.75
N ALA B 175 19.38 -13.73 23.98
CA ALA B 175 20.80 -13.90 23.65
C ALA B 175 21.33 -15.03 24.50
N ARG B 176 20.97 -14.97 25.76
CA ARG B 176 21.32 -16.00 26.70
C ARG B 176 20.81 -17.38 26.32
N ILE B 177 19.52 -17.54 26.08
CA ILE B 177 19.02 -18.84 25.58
C ILE B 177 19.78 -19.32 24.32
N ALA B 178 20.17 -18.37 23.47
CA ALA B 178 20.73 -18.74 22.17
C ALA B 178 22.13 -19.23 22.36
N HIS B 179 22.96 -18.47 23.05
CA HIS B 179 24.31 -18.94 23.30
C HIS B 179 24.33 -20.24 24.10
N ALA B 180 23.36 -20.41 24.98
CA ALA B 180 23.30 -21.63 25.74
C ALA B 180 23.00 -22.85 24.87
N HIS B 181 22.78 -22.65 23.60
CA HIS B 181 22.44 -23.77 22.75
C HIS B 181 23.32 -23.88 21.54
N GLY B 182 24.37 -23.08 21.56
CA GLY B 182 25.40 -23.16 20.52
C GLY B 182 25.03 -22.32 19.32
N ARG B 183 24.22 -21.28 19.53
CA ARG B 183 23.60 -20.54 18.44
C ARG B 183 24.31 -19.22 18.45
N GLU B 184 24.00 -18.33 17.50
CA GLU B 184 24.66 -17.03 17.36
C GLU B 184 23.62 -15.93 17.34
N THR B 185 23.94 -14.75 17.84
CA THR B 185 22.99 -13.65 17.87
C THR B 185 23.52 -12.53 17.05
N ALA B 186 22.64 -11.74 16.46
CA ALA B 186 23.03 -10.61 15.61
C ALA B 186 22.07 -9.50 15.86
N MSE B 187 22.48 -8.30 15.46
CA MSE B 187 21.64 -7.13 15.63
C MSE B 187 21.91 -6.10 14.56
O MSE B 187 22.97 -6.08 13.91
CB MSE B 187 21.93 -6.47 16.98
CG MSE B 187 23.31 -5.78 17.06
SE MSE B 187 23.60 -4.48 18.58
CE MSE B 187 22.06 -3.26 18.32
N THR B 188 20.95 -5.20 14.40
CA THR B 188 21.24 -4.07 13.52
C THR B 188 21.25 -2.82 14.39
N LEU B 189 22.17 -1.93 14.05
CA LEU B 189 22.32 -0.64 14.69
C LEU B 189 21.17 0.26 14.38
N SER B 190 20.28 -0.14 13.48
CA SER B 190 19.01 0.57 13.28
C SER B 190 18.98 1.99 12.68
N ASP B 191 19.47 3.00 13.37
CA ASP B 191 19.40 4.40 12.90
C ASP B 191 20.58 5.15 13.48
N SER B 192 21.09 6.19 12.82
CA SER B 192 22.27 6.87 13.39
C SER B 192 21.96 7.46 14.76
N PHE B 193 20.76 8.02 14.94
CA PHE B 193 20.29 8.62 16.19
C PHE B 193 20.02 7.62 17.29
N CYS B 194 19.40 6.51 16.93
CA CYS B 194 19.31 5.41 17.83
C CYS B 194 20.70 5.18 18.40
N VAL B 195 21.73 5.27 17.56
CA VAL B 195 23.12 5.03 18.01
C VAL B 195 23.59 6.04 19.11
N HIS B 196 23.21 7.31 19.00
CA HIS B 196 23.65 8.32 19.98
C HIS B 196 22.98 8.04 21.32
N ARG B 197 21.71 7.71 21.19
CA ARG B 197 20.80 7.44 22.28
C ARG B 197 21.27 6.21 23.11
N TYR B 198 22.08 5.31 22.54
CA TYR B 198 22.50 4.07 23.20
C TYR B 198 23.92 3.58 22.87
N ARG B 199 24.69 4.41 22.18
CA ARG B 199 26.11 4.23 21.95
C ARG B 199 26.72 3.24 22.98
N SER B 200 26.49 3.50 24.27
CA SER B 200 27.17 2.74 25.34
C SER B 200 26.59 1.34 25.57
N GLU B 201 25.26 1.24 25.72
CA GLU B 201 24.61 -0.05 25.83
C GLU B 201 24.98 -0.96 24.67
N PHE B 202 25.03 -0.39 23.47
CA PHE B 202 25.25 -1.19 22.29
C PHE B 202 26.65 -1.77 22.40
N LEU B 203 27.64 -0.91 22.68
CA LEU B 203 29.02 -1.39 22.71
C LEU B 203 29.18 -2.48 23.76
N GLU B 204 28.46 -2.34 24.86
CA GLU B 204 28.60 -3.30 25.93
C GLU B 204 28.01 -4.63 25.48
N LEU B 205 26.90 -4.52 24.77
CA LEU B 205 26.15 -5.62 24.22
C LEU B 205 27.12 -6.50 23.39
N MSE B 206 27.96 -5.81 22.63
CA MSE B 206 28.98 -6.44 21.80
C MSE B 206 30.11 -7.01 22.62
O MSE B 206 30.36 -8.24 22.60
CB MSE B 206 29.54 -5.43 20.80
CG MSE B 206 28.47 -4.82 19.91
SE MSE B 206 29.19 -3.37 18.79
CE MSE B 206 30.73 -4.30 18.01
N ARG B 207 30.78 -6.14 23.38
CA ARG B 207 31.95 -6.55 24.14
C ARG B 207 31.67 -7.66 25.13
N SER B 208 30.43 -7.75 25.62
CA SER B 208 30.03 -8.83 26.52
C SER B 208 29.90 -10.18 25.81
N GLY B 209 29.98 -10.15 24.48
CA GLY B 209 29.67 -11.32 23.64
C GLY B 209 28.18 -11.65 23.60
N THR B 210 27.32 -10.70 23.94
CA THR B 210 25.88 -10.94 23.84
C THR B 210 25.47 -10.93 22.39
N VAL B 211 26.02 -9.96 21.66
CA VAL B 211 25.90 -9.81 20.21
C VAL B 211 27.14 -10.39 19.54
N ASP B 212 26.95 -11.44 18.76
CA ASP B 212 28.04 -11.87 17.92
C ASP B 212 28.19 -10.97 16.72
N ILE B 213 27.12 -10.79 15.97
CA ILE B 213 27.24 -10.16 14.65
C ILE B 213 26.55 -8.81 14.60
N VAL B 214 27.15 -7.88 13.89
CA VAL B 214 26.57 -6.54 13.89
C VAL B 214 26.24 -6.10 12.51
N PHE B 215 25.05 -5.56 12.33
CA PHE B 215 24.73 -5.00 11.02
C PHE B 215 24.58 -3.53 11.13
N ALA B 216 25.06 -2.82 10.13
CA ALA B 216 25.10 -1.36 10.19
C ALA B 216 25.22 -0.75 8.84
N ASN B 217 24.78 0.50 8.66
CA ASN B 217 25.17 1.31 7.49
C ASN B 217 26.32 2.27 7.83
N ARG B 218 26.72 3.10 6.90
CA ARG B 218 27.97 3.86 7.07
C ARG B 218 27.80 4.89 8.19
N GLN B 219 26.86 5.80 8.02
CA GLN B 219 26.60 6.81 9.03
C GLN B 219 26.55 6.20 10.43
N GLU B 220 26.09 4.96 10.52
CA GLU B 220 25.82 4.42 11.85
C GLU B 220 27.08 3.89 12.47
N ALA B 221 27.90 3.26 11.64
CA ALA B 221 29.22 2.76 12.05
C ALA B 221 30.11 3.86 12.62
N LEU B 222 30.06 5.03 11.98
CA LEU B 222 30.71 6.24 12.48
C LEU B 222 30.11 6.75 13.82
N ALA B 223 28.80 6.91 13.87
CA ALA B 223 28.21 7.37 15.10
C ALA B 223 28.69 6.52 16.27
N LEU B 224 28.93 5.25 15.99
CA LEU B 224 29.19 4.28 17.05
C LEU B 224 30.53 4.55 17.73
N TYR B 225 31.38 5.24 17.01
CA TYR B 225 32.68 5.53 17.52
C TYR B 225 32.99 7.03 17.44
N GLU B 226 31.95 7.87 17.49
CA GLU B 226 32.05 9.30 17.11
C GLU B 226 33.38 9.71 16.38
N THR B 227 33.49 9.37 15.10
CA THR B 227 34.68 9.66 14.32
C THR B 227 34.29 9.90 12.87
N GLU B 228 34.97 10.79 12.16
CA GLU B 228 34.77 10.88 10.72
C GLU B 228 35.72 9.92 9.91
N ASP B 229 36.69 9.31 10.61
CA ASP B 229 37.57 8.31 9.98
C ASP B 229 36.88 6.96 9.76
N PHE B 230 36.63 6.59 8.52
CA PHE B 230 35.86 5.38 8.29
C PHE B 230 36.65 4.10 8.57
N ASP B 231 37.91 4.06 8.16
CA ASP B 231 38.74 2.88 8.42
C ASP B 231 38.97 2.66 9.92
N ARG B 232 39.20 3.78 10.61
CA ARG B 232 39.33 3.75 12.05
C ARG B 232 38.09 3.08 12.62
N ALA B 233 36.94 3.47 12.10
CA ALA B 233 35.67 2.96 12.64
C ALA B 233 35.55 1.46 12.45
N LEU B 234 36.13 0.98 11.34
CA LEU B 234 36.03 -0.40 10.93
C LEU B 234 36.93 -1.26 11.80
N GLU B 235 38.06 -0.70 12.20
CA GLU B 235 39.04 -1.41 13.03
C GLU B 235 38.45 -1.76 14.38
N LEU B 236 37.73 -0.80 14.95
CA LEU B 236 37.24 -0.92 16.32
C LEU B 236 36.09 -1.88 16.35
N LEU B 237 35.34 -1.86 15.27
CA LEU B 237 34.20 -2.73 15.15
C LEU B 237 34.67 -4.19 15.08
N ALA B 238 35.80 -4.43 14.42
CA ALA B 238 36.38 -5.78 14.36
C ALA B 238 36.91 -6.25 15.71
N ARG B 239 37.04 -5.32 16.64
CA ARG B 239 37.57 -5.68 17.94
C ARG B 239 36.44 -5.96 18.89
N ASP B 240 35.24 -5.44 18.61
CA ASP B 240 34.16 -5.56 19.58
C ASP B 240 33.15 -6.70 19.33
N CYS B 241 33.24 -7.36 18.18
CA CYS B 241 32.28 -8.41 17.78
C CYS B 241 32.95 -9.47 16.90
N LYS B 242 32.32 -10.65 16.78
CA LYS B 242 32.88 -11.77 15.99
C LYS B 242 33.00 -11.37 14.53
N LEU B 243 32.02 -10.56 14.10
CA LEU B 243 31.74 -10.39 12.69
C LEU B 243 30.81 -9.20 12.47
N ALA B 244 30.99 -8.42 11.42
CA ALA B 244 30.12 -7.25 11.19
C ALA B 244 30.05 -6.84 9.75
N ALA B 245 28.86 -6.47 9.33
CA ALA B 245 28.66 -6.11 7.93
C ALA B 245 28.17 -4.69 7.81
N VAL B 246 28.86 -3.89 7.00
CA VAL B 246 28.44 -2.50 6.89
C VAL B 246 27.96 -2.12 5.51
N THR B 247 26.70 -1.75 5.37
CA THR B 247 26.21 -1.40 4.04
C THR B 247 26.59 0.01 3.69
N LEU B 248 26.89 0.18 2.41
CA LEU B 248 27.43 1.43 1.91
C LEU B 248 26.63 1.94 0.73
N SER B 249 25.31 1.87 0.80
CA SER B 249 24.52 2.39 -0.32
C SER B 249 24.95 1.90 -1.71
N GLU B 250 25.03 2.80 -2.68
CA GLU B 250 25.41 2.44 -4.06
C GLU B 250 26.74 1.69 -4.17
N GLU B 251 27.63 1.85 -3.18
CA GLU B 251 28.93 1.13 -3.14
C GLU B 251 28.83 -0.34 -2.74
N GLY B 252 27.69 -0.72 -2.15
CA GLY B 252 27.48 -2.08 -1.70
C GLY B 252 27.64 -2.30 -0.20
N SER B 253 28.53 -3.21 0.18
CA SER B 253 28.86 -3.54 1.57
C SER B 253 30.35 -3.76 1.76
N VAL B 254 30.82 -3.63 3.00
CA VAL B 254 32.13 -4.21 3.33
C VAL B 254 31.97 -5.02 4.60
N VAL B 255 32.48 -6.23 4.62
CA VAL B 255 32.36 -7.06 5.78
C VAL B 255 33.70 -7.22 6.49
N VAL B 256 33.62 -7.32 7.81
CA VAL B 256 34.76 -7.15 8.69
C VAL B 256 34.92 -8.36 9.60
N ARG B 257 36.08 -8.97 9.60
CA ARG B 257 36.36 -10.07 10.53
C ARG B 257 37.85 -10.06 10.91
N GLY B 258 38.11 -9.59 12.12
CA GLY B 258 39.46 -9.24 12.49
C GLY B 258 40.06 -8.40 11.38
N ALA B 259 41.14 -8.91 10.78
CA ALA B 259 41.87 -8.18 9.75
C ALA B 259 41.27 -8.36 8.36
N GLU B 260 40.23 -9.18 8.26
CA GLU B 260 39.69 -9.58 6.96
C GLU B 260 38.64 -8.53 6.50
N ARG B 261 38.63 -8.21 5.20
CA ARG B 261 37.73 -7.19 4.66
C ARG B 261 37.16 -7.69 3.35
N VAL B 262 35.90 -8.09 3.34
CA VAL B 262 35.27 -8.55 2.10
C VAL B 262 34.33 -7.45 1.58
N ARG B 263 34.76 -6.75 0.52
CA ARG B 263 33.92 -5.71 -0.10
C ARG B 263 33.27 -6.19 -1.36
N VAL B 264 31.98 -5.95 -1.49
CA VAL B 264 31.16 -6.39 -2.61
C VAL B 264 30.31 -5.18 -3.04
N GLY B 265 30.24 -4.97 -4.36
CA GLY B 265 29.52 -3.81 -4.84
C GLY B 265 28.04 -4.08 -4.87
N ALA B 266 27.28 -3.00 -4.97
CA ALA B 266 25.84 -3.08 -5.10
C ALA B 266 25.55 -3.44 -6.54
N SER B 267 24.40 -4.08 -6.80
CA SER B 267 23.83 -4.10 -8.15
C SER B 267 23.68 -2.67 -8.66
N VAL B 268 23.75 -2.49 -9.97
CA VAL B 268 23.45 -1.17 -10.50
C VAL B 268 21.93 -1.11 -10.82
N LEU B 269 21.26 -0.06 -10.34
CA LEU B 269 19.82 0.07 -10.57
C LEU B 269 19.39 1.14 -11.57
N GLU B 270 18.45 0.70 -12.40
CA GLU B 270 17.43 1.50 -13.05
C GLU B 270 16.84 2.67 -12.21
N GLN B 271 15.93 2.37 -11.29
CA GLN B 271 15.31 3.40 -10.45
C GLN B 271 15.60 3.16 -8.97
N VAL B 272 16.07 4.18 -8.25
CA VAL B 272 15.79 4.24 -6.79
C VAL B 272 14.42 4.89 -6.44
N VAL B 273 13.41 4.06 -6.13
CA VAL B 273 12.05 4.53 -5.86
C VAL B 273 11.76 4.90 -4.39
N ASP B 274 12.05 3.94 -3.51
CA ASP B 274 11.81 4.00 -2.07
C ASP B 274 12.83 3.16 -1.32
N THR B 275 13.70 3.84 -0.61
CA THR B 275 14.83 3.27 -0.01
C THR B 275 14.56 2.46 1.26
N THR B 276 13.31 2.52 1.72
CA THR B 276 12.84 1.91 2.95
C THR B 276 12.97 0.39 2.87
N GLY B 277 13.64 -0.18 3.84
CA GLY B 277 13.74 -1.60 3.92
C GLY B 277 15.10 -2.11 3.43
N ALA B 278 15.95 -1.23 2.85
CA ALA B 278 17.16 -1.70 2.26
C ALA B 278 18.06 -2.36 3.32
N GLY B 279 18.51 -1.62 4.32
CA GLY B 279 19.37 -2.22 5.32
C GLY B 279 18.76 -3.53 5.82
N ASP B 280 17.41 -3.63 5.82
CA ASP B 280 16.66 -4.78 6.35
C ASP B 280 16.74 -5.98 5.39
N LEU B 281 16.65 -5.75 4.07
CA LEU B 281 16.72 -6.91 3.16
C LEU B 281 18.13 -7.33 2.90
N TYR B 282 19.04 -6.40 3.14
CA TYR B 282 20.43 -6.73 3.01
C TYR B 282 20.78 -7.82 4.04
N ALA B 283 20.34 -7.59 5.27
CA ALA B 283 20.61 -8.49 6.36
C ALA B 283 19.89 -9.82 6.14
N ALA B 284 18.71 -9.75 5.51
CA ALA B 284 17.95 -10.96 5.14
C ALA B 284 18.78 -11.81 4.16
N GLY B 285 19.37 -11.17 3.16
CA GLY B 285 20.11 -11.92 2.17
C GLY B 285 21.37 -12.48 2.81
N PHE B 286 22.00 -11.65 3.61
CA PHE B 286 23.24 -12.01 4.18
C PHE B 286 23.06 -13.23 5.09
N LEU B 287 22.05 -13.17 5.97
CA LEU B 287 21.77 -14.20 6.97
C LEU B 287 21.20 -15.48 6.40
N PHE B 288 20.50 -15.35 5.27
CA PHE B 288 20.09 -16.53 4.55
C PHE B 288 21.31 -17.28 3.93
N GLY B 289 22.26 -16.53 3.35
CA GLY B 289 23.51 -17.07 2.88
C GLY B 289 24.29 -17.56 4.06
N TYR B 290 24.34 -16.76 5.12
CA TYR B 290 25.12 -17.11 6.31
C TYR B 290 24.70 -18.39 7.00
N THR B 291 23.41 -18.65 7.03
CA THR B 291 22.88 -19.79 7.79
C THR B 291 22.74 -21.05 6.93
N SER B 292 23.06 -20.96 5.65
CA SER B 292 23.22 -22.16 4.86
C SER B 292 24.73 -22.29 4.46
N GLY B 293 25.63 -21.81 5.33
CA GLY B 293 27.06 -22.04 5.19
C GLY B 293 27.76 -21.47 3.95
N ARG B 294 27.38 -20.27 3.55
CA ARG B 294 28.02 -19.61 2.41
C ARG B 294 29.18 -18.69 2.80
N SER B 295 30.14 -18.50 1.89
CA SER B 295 31.25 -17.64 2.12
C SER B 295 30.73 -16.24 2.40
N LEU B 296 31.50 -15.42 3.09
CA LEU B 296 31.21 -14.00 3.28
C LEU B 296 30.90 -13.25 2.00
N GLU B 297 31.72 -13.49 0.98
CA GLU B 297 31.46 -12.87 -0.30
C GLU B 297 30.05 -13.17 -0.81
N GLU B 298 29.67 -14.47 -0.82
CA GLU B 298 28.37 -14.85 -1.32
C GLU B 298 27.27 -14.29 -0.41
N CYS B 299 27.51 -14.20 0.91
CA CYS B 299 26.56 -13.57 1.81
C CYS B 299 26.35 -12.15 1.41
N SER B 300 27.42 -11.43 1.04
CA SER B 300 27.31 -10.04 0.72
C SER B 300 26.53 -9.88 -0.56
N LYS B 301 26.80 -10.74 -1.54
CA LYS B 301 26.10 -10.64 -2.82
C LYS B 301 24.61 -10.77 -2.58
N LEU B 302 24.22 -11.82 -1.85
CA LEU B 302 22.84 -12.08 -1.59
C LEU B 302 22.25 -10.89 -0.84
N GLY B 303 23.05 -10.26 0.02
CA GLY B 303 22.51 -9.13 0.75
C GLY B 303 22.18 -8.00 -0.21
N ASN B 304 23.12 -7.68 -1.11
CA ASN B 304 22.95 -6.55 -2.02
C ASN B 304 21.81 -6.77 -3.05
N LEU B 305 21.71 -8.01 -3.52
CA LEU B 305 20.68 -8.44 -4.44
C LEU B 305 19.32 -8.08 -3.82
N ALA B 306 19.12 -8.49 -2.59
CA ALA B 306 17.83 -8.34 -1.95
C ALA B 306 17.59 -6.87 -1.53
N ALA B 307 18.59 -6.17 -0.99
CA ALA B 307 18.49 -4.75 -0.80
C ALA B 307 18.04 -4.10 -2.11
N GLY B 308 18.68 -4.42 -3.22
CA GLY B 308 18.39 -3.72 -4.44
C GLY B 308 17.01 -3.92 -5.00
N ILE B 309 16.50 -5.12 -4.89
CA ILE B 309 15.17 -5.38 -5.38
C ILE B 309 14.13 -4.56 -4.65
N VAL B 310 14.30 -4.34 -3.33
CA VAL B 310 13.27 -3.76 -2.48
C VAL B 310 13.23 -2.24 -2.57
N ILE B 311 14.34 -1.69 -3.02
CA ILE B 311 14.50 -0.24 -3.15
C ILE B 311 13.85 0.26 -4.47
N GLY B 312 13.49 -0.66 -5.36
CA GLY B 312 12.80 -0.32 -6.58
C GLY B 312 11.32 -0.51 -6.48
N GLN B 313 10.77 -0.21 -5.31
CA GLN B 313 9.44 -0.68 -4.96
C GLN B 313 8.85 0.20 -3.86
N ILE B 314 7.62 0.59 -4.03
CA ILE B 314 6.90 1.13 -2.92
C ILE B 314 6.45 -0.04 -2.00
N GLY B 315 6.99 -0.04 -0.77
CA GLY B 315 6.68 -1.05 0.27
C GLY B 315 7.98 -1.61 0.83
N PRO B 316 8.03 -2.00 2.13
CA PRO B 316 9.38 -2.38 2.59
C PRO B 316 9.63 -3.86 2.44
N ARG B 317 8.70 -4.67 1.90
CA ARG B 317 9.05 -6.08 1.62
C ARG B 317 8.84 -6.55 0.18
N PRO B 318 9.84 -7.23 -0.39
CA PRO B 318 9.62 -7.48 -1.82
C PRO B 318 8.36 -8.26 -2.12
N LEU B 319 7.60 -7.65 -3.02
CA LEU B 319 6.47 -8.26 -3.73
C LEU B 319 6.87 -9.59 -4.44
N VAL B 320 7.97 -9.55 -5.20
CA VAL B 320 8.49 -10.74 -5.91
C VAL B 320 9.08 -11.88 -5.01
N SER B 321 9.10 -13.12 -5.52
CA SER B 321 9.75 -14.22 -4.77
C SER B 321 11.24 -14.00 -4.81
N LEU B 322 11.84 -13.87 -3.65
CA LEU B 322 13.29 -13.72 -3.63
C LEU B 322 14.02 -15.04 -4.01
N ALA B 323 13.43 -16.21 -3.73
CA ALA B 323 14.14 -17.45 -3.98
C ALA B 323 14.36 -17.48 -5.46
N THR B 324 13.35 -16.95 -6.17
CA THR B 324 13.38 -16.85 -7.63
C THR B 324 14.49 -15.91 -8.10
N ALA B 325 14.53 -14.68 -7.59
CA ALA B 325 15.57 -13.73 -8.01
C ALA B 325 16.96 -14.20 -7.67
N ALA B 326 17.12 -14.93 -6.57
CA ALA B 326 18.44 -15.53 -6.23
C ALA B 326 18.89 -16.67 -7.20
N ARG B 327 17.98 -17.61 -7.47
CA ARG B 327 18.15 -18.62 -8.52
C ARG B 327 18.41 -18.03 -9.91
N GLN B 328 17.60 -17.04 -10.33
CA GLN B 328 17.76 -16.39 -11.63
C GLN B 328 19.11 -15.64 -11.79
N ALA B 329 19.63 -15.11 -10.68
CA ALA B 329 20.96 -14.48 -10.73
C ALA B 329 22.12 -15.48 -10.52
N ALA B 330 21.78 -16.75 -10.28
CA ALA B 330 22.77 -17.77 -9.88
C ALA B 330 23.69 -17.23 -8.77
O5' ADN C . -12.95 -0.91 -10.07
C5' ADN C . -11.87 -0.55 -9.13
C4' ADN C . -12.30 -0.55 -7.62
O4' ADN C . -13.48 -1.34 -7.36
C3' ADN C . -11.38 -0.87 -6.34
O3' ADN C . -10.39 -0.01 -5.81
C2' ADN C . -12.41 -1.35 -5.28
O2' ADN C . -12.33 -0.72 -3.97
C1' ADN C . -13.68 -1.16 -6.00
N9 ADN C . -14.71 -2.17 -5.59
C8 ADN C . -14.68 -3.59 -5.55
N7 ADN C . -15.98 -4.08 -5.20
C5 ADN C . -16.79 -2.95 -5.05
C6 ADN C . -18.16 -2.79 -4.69
N6 ADN C . -19.01 -3.93 -4.44
N1 ADN C . -18.69 -1.45 -4.61
C2 ADN C . -17.86 -0.32 -4.89
N3 ADN C . -16.50 -0.44 -5.25
C4 ADN C . -15.99 -1.75 -5.30
PB ADP D . -12.71 -1.62 -16.89
O1B ADP D . -13.25 -3.16 -16.59
O2B ADP D . -13.81 -0.37 -16.59
O3B ADP D . -11.47 -1.33 -16.13
PA ADP D . -11.64 -1.18 -19.76
O1A ADP D . -11.13 -2.57 -20.48
O2A ADP D . -12.54 -0.46 -20.66
O3A ADP D . -12.49 -1.95 -18.51
O5' ADP D . -10.44 -0.10 -19.30
C5' ADP D . -10.80 1.15 -18.73
C4' ADP D . -9.86 2.31 -19.20
O4' ADP D . -8.43 2.30 -18.73
C3' ADP D . -9.64 2.50 -20.79
O3' ADP D . -10.70 2.97 -21.61
C2' ADP D . -8.23 3.04 -20.95
O2' ADP D . -7.99 4.45 -21.03
C1' ADP D . -7.55 2.25 -19.87
N9 ADP D . -7.13 0.88 -20.27
C8 ADP D . -7.74 -0.33 -20.00
N7 ADP D . -6.96 -1.41 -20.59
C5 ADP D . -5.86 -0.82 -21.27
C6 ADP D . -4.73 -1.41 -22.03
N6 ADP D . -4.61 -2.87 -22.15
N1 ADP D . -3.78 -0.59 -22.55
C2 ADP D . -3.85 0.81 -22.38
N3 ADP D . -4.95 1.40 -21.66
C4 ADP D . -5.92 0.58 -21.09
O5' ADN E . 14.29 0.33 8.28
C5' ADN E . 13.13 -0.09 7.46
C4' ADN E . 11.77 -0.11 8.27
O4' ADN E . 11.82 0.36 9.62
C3' ADN E . 10.23 0.11 7.89
O3' ADN E . 9.46 -1.00 7.49
C2' ADN E . 9.59 0.65 9.25
O2' ADN E . 8.31 0.09 9.61
C1' ADN E . 10.58 0.15 10.21
N9 ADN E . 10.50 0.93 11.50
C8 ADN E . 10.05 2.27 11.68
N7 ADN E . 10.28 2.61 13.05
C5 ADN E . 10.81 1.53 13.74
C6 ADN E . 11.18 1.36 15.11
N6 ADN E . 11.03 2.39 16.11
N1 ADN E . 11.72 0.06 15.50
C2 ADN E . 11.89 -1.00 14.52
N3 ADN E . 11.52 -0.82 13.12
C4 ADN E . 10.98 0.47 12.75
PB ADP F . 20.29 1.99 4.79
O1B ADP F . 20.94 3.49 5.09
O2B ADP F . 20.41 0.93 6.08
O3B ADP F . 18.87 2.02 4.28
PA ADP F . 22.52 1.80 2.80
O1A ADP F . 22.15 3.23 2.06
O2A ADP F . 23.91 1.79 3.35
O3A ADP F . 21.27 1.23 3.69
O5' ADP F . 22.37 0.58 1.72
C5' ADP F . 21.70 -0.59 2.15
C4' ADP F . 21.80 -1.64 1.06
O4' ADP F . 20.83 -1.35 0.00
C3' ADP F . 23.16 -1.61 0.26
O3' ADP F . 24.25 -2.28 0.84
C2' ADP F . 22.79 -1.90 -1.17
O2' ADP F . 22.82 -3.20 -1.66
C1' ADP F . 21.46 -1.33 -1.29
N9 ADP F . 21.53 0.03 -1.82
C8 ADP F . 21.39 1.19 -1.11
N7 ADP F . 21.44 2.29 -2.02
C5 ADP F . 21.62 1.72 -3.31
C6 ADP F . 21.71 2.33 -4.60
N6 ADP F . 21.59 3.78 -4.62
N1 ADP F . 21.89 1.57 -5.72
C2 ADP F . 21.96 0.16 -5.64
N3 ADP F . 21.87 -0.45 -4.36
C4 ADP F . 21.70 0.33 -3.24
#